data_3WWV
# 
_entry.id   3WWV 
# 
_audit_conform.dict_name       mmcif_pdbx.dic 
_audit_conform.dict_version    5.381 
_audit_conform.dict_location   http://mmcif.pdb.org/dictionaries/ascii/mmcif_pdbx.dic 
# 
loop_
_database_2.database_id 
_database_2.database_code 
_database_2.pdbx_database_accession 
_database_2.pdbx_DOI 
PDB   3WWV         pdb_00003wwv 10.2210/pdb3wwv/pdb 
RCSB  RCSB096893   ?            ?                   
WWPDB D_1000096893 ?            ?                   
# 
loop_
_pdbx_database_related.db_name 
_pdbx_database_related.db_id 
_pdbx_database_related.details 
_pdbx_database_related.content_type 
PDB 2EXD 'Homologous protein, C-terminal domain of PH0471'                                                     unspecified 
PDB 3WG5 'N-terminal domain of the same protein (K138A mutant) in complex with a peptide under heat treatment' unspecified 
PDB 3VIV 'N-terminal domain of the same protein (K138A mutant) in complex with a peptide'                      unspecified 
PDB 3BPP 'N-terminal domain of the same protein (K138A mutant)'                                                unspecified 
PDB 2DEO 'N-terminal domain of the same protein (wild-type)'                                                   unspecified 
PDB 3BK6 'Related protein, stomatin core domain'                                                               unspecified 
# 
_pdbx_database_status.status_code                     REL 
_pdbx_database_status.entry_id                        3WWV 
_pdbx_database_status.recvd_initial_deposition_date   2014-06-30 
_pdbx_database_status.deposit_site                    PDBJ 
_pdbx_database_status.process_site                    PDBJ 
_pdbx_database_status.methods_development_category    ? 
_pdbx_database_status.status_code_sf                  REL 
_pdbx_database_status.status_code_mr                  ? 
_pdbx_database_status.SG_entry                        ? 
_pdbx_database_status.status_code_cs                  ? 
_pdbx_database_status.pdb_format_compatible           Y 
_pdbx_database_status.status_code_nmr_data            ? 
# 
loop_
_audit_author.name 
_audit_author.pdbx_ordinal 
'Yokoyama, H.' 1 
'Matsui, I.'   2 
# 
loop_
_citation.id 
_citation.title 
_citation.journal_abbrev 
_citation.journal_volume 
_citation.page_first 
_citation.page_last 
_citation.year 
_citation.journal_id_ASTM 
_citation.country 
_citation.journal_id_ISSN 
_citation.journal_id_CSD 
_citation.book_publisher 
_citation.pdbx_database_id_PubMed 
_citation.pdbx_database_id_DOI 
primary 
;Crystal structure of the stomatin operon partner protein from Pyrococcus horikoshii indicates the formation of a multimeric assembly
;
'FEBS Open Bio' 4  804  812  2014 ?      NE 2211-5463 ?    ? 25349784 10.1016/j.fob.2014.09.002    
1       'Clustering of OB-fold domains of the partner protease complexed with trimeric stomatin from Thermococcales' Biochimie 95 
1494 1501 2013 BICMBE FR 0300-9084 0466 ? 23587725 10.1016/j.biochi.2013.04.002 
# 
loop_
_citation_author.citation_id 
_citation_author.name 
_citation_author.ordinal 
_citation_author.identifier_ORCID 
primary 'Yokoyama, H.' 1 ? 
primary 'Matsui, I.'   2 ? 
1       'Yokoyama, H.' 3 ? 
1       'Matsui, E.'   4 ? 
1       'Hiramoto, K.' 5 ? 
1       'Forterre, P.' 6 ? 
1       'Matsui, I.'   7 ? 
# 
_cell.entry_id           3WWV 
_cell.length_a           75.847 
_cell.length_b           75.847 
_cell.length_c           43.631 
_cell.angle_alpha        90.00 
_cell.angle_beta         90.00 
_cell.angle_gamma        120.00 
_cell.Z_PDB              12 
_cell.pdbx_unique_axis   ? 
_cell.length_a_esd       ? 
_cell.length_b_esd       ? 
_cell.length_c_esd       ? 
_cell.angle_alpha_esd    ? 
_cell.angle_beta_esd     ? 
_cell.angle_gamma_esd    ? 
# 
_symmetry.entry_id                         3WWV 
_symmetry.space_group_name_H-M             'P 62 2 2' 
_symmetry.pdbx_full_space_group_name_H-M   ? 
_symmetry.cell_setting                     ? 
_symmetry.Int_Tables_number                180 
_symmetry.space_group_name_Hall            ? 
# 
loop_
_entity.id 
_entity.type 
_entity.src_method 
_entity.pdbx_description 
_entity.formula_weight 
_entity.pdbx_number_of_molecules 
_entity.pdbx_ec 
_entity.pdbx_mutation 
_entity.pdbx_fragment 
_entity.details 
1 polymer     man 'Stomatin operon partner protein' 9185.729 1  ? ? 'C-terminal domain, Residues 371-441' ? 
2 non-polymer syn 'SODIUM ION'                      22.990   1  ? ? ?                                     ? 
3 water       nat water                             18.015   20 ? ? ?                                     ? 
# 
_entity_name_com.entity_id   1 
_entity_name_com.name        'NfeD homolog, Membrane-bound protease PH1510, STOPP' 
# 
_entity_poly.entity_id                      1 
_entity_poly.type                           'polypeptide(L)' 
_entity_poly.nstd_linkage                   no 
_entity_poly.nstd_monomer                   no 
_entity_poly.pdbx_seq_one_letter_code       MKARTGKEEMIGLIGTVVEELNPEGMIKVRGELWKARSKFNGKIEKGEKVRVVDMDGLTLIVVRERKEGGEKLEHHHHHH 
_entity_poly.pdbx_seq_one_letter_code_can   MKARTGKEEMIGLIGTVVEELNPEGMIKVRGELWKARSKFNGKIEKGEKVRVVDMDGLTLIVVRERKEGGEKLEHHHHHH 
_entity_poly.pdbx_strand_id                 A 
_entity_poly.pdbx_target_identifier         ? 
# 
loop_
_entity_poly_seq.entity_id 
_entity_poly_seq.num 
_entity_poly_seq.mon_id 
_entity_poly_seq.hetero 
1 1  MET n 
1 2  LYS n 
1 3  ALA n 
1 4  ARG n 
1 5  THR n 
1 6  GLY n 
1 7  LYS n 
1 8  GLU n 
1 9  GLU n 
1 10 MET n 
1 11 ILE n 
1 12 GLY n 
1 13 LEU n 
1 14 ILE n 
1 15 GLY n 
1 16 THR n 
1 17 VAL n 
1 18 VAL n 
1 19 GLU n 
1 20 GLU n 
1 21 LEU n 
1 22 ASN n 
1 23 PRO n 
1 24 GLU n 
1 25 GLY n 
1 26 MET n 
1 27 ILE n 
1 28 LYS n 
1 29 VAL n 
1 30 ARG n 
1 31 GLY n 
1 32 GLU n 
1 33 LEU n 
1 34 TRP n 
1 35 LYS n 
1 36 ALA n 
1 37 ARG n 
1 38 SER n 
1 39 LYS n 
1 40 PHE n 
1 41 ASN n 
1 42 GLY n 
1 43 LYS n 
1 44 ILE n 
1 45 GLU n 
1 46 LYS n 
1 47 GLY n 
1 48 GLU n 
1 49 LYS n 
1 50 VAL n 
1 51 ARG n 
1 52 VAL n 
1 53 VAL n 
1 54 ASP n 
1 55 MET n 
1 56 ASP n 
1 57 GLY n 
1 58 LEU n 
1 59 THR n 
1 60 LEU n 
1 61 ILE n 
1 62 VAL n 
1 63 VAL n 
1 64 ARG n 
1 65 GLU n 
1 66 ARG n 
1 67 LYS n 
1 68 GLU n 
1 69 GLY n 
1 70 GLY n 
1 71 GLU n 
1 72 LYS n 
1 73 LEU n 
1 74 GLU n 
1 75 HIS n 
1 76 HIS n 
1 77 HIS n 
1 78 HIS n 
1 79 HIS n 
1 80 HIS n 
# 
_entity_src_gen.entity_id                          1 
_entity_src_gen.pdbx_src_id                        1 
_entity_src_gen.pdbx_alt_source_flag               sample 
_entity_src_gen.pdbx_seq_type                      ? 
_entity_src_gen.pdbx_beg_seq_num                   ? 
_entity_src_gen.pdbx_end_seq_num                   ? 
_entity_src_gen.gene_src_common_name               ? 
_entity_src_gen.gene_src_genus                     ? 
_entity_src_gen.pdbx_gene_src_gene                 PH1510 
_entity_src_gen.gene_src_species                   ? 
_entity_src_gen.gene_src_strain                    ? 
_entity_src_gen.gene_src_tissue                    ? 
_entity_src_gen.gene_src_tissue_fraction           ? 
_entity_src_gen.gene_src_details                   ? 
_entity_src_gen.pdbx_gene_src_fragment             ? 
_entity_src_gen.pdbx_gene_src_scientific_name      'Pyrococcus horikoshii OT3' 
_entity_src_gen.pdbx_gene_src_ncbi_taxonomy_id     70601 
_entity_src_gen.pdbx_gene_src_variant              ? 
_entity_src_gen.pdbx_gene_src_cell_line            ? 
_entity_src_gen.pdbx_gene_src_atcc                 ? 
_entity_src_gen.pdbx_gene_src_organ                ? 
_entity_src_gen.pdbx_gene_src_organelle            ? 
_entity_src_gen.pdbx_gene_src_cell                 ? 
_entity_src_gen.pdbx_gene_src_cellular_location    ? 
_entity_src_gen.host_org_common_name               ? 
_entity_src_gen.pdbx_host_org_scientific_name      'Escherichia coli BL21(DE3)' 
_entity_src_gen.pdbx_host_org_ncbi_taxonomy_id     469008 
_entity_src_gen.host_org_genus                     ? 
_entity_src_gen.pdbx_host_org_gene                 ? 
_entity_src_gen.pdbx_host_org_organ                ? 
_entity_src_gen.host_org_species                   ? 
_entity_src_gen.pdbx_host_org_tissue               ? 
_entity_src_gen.pdbx_host_org_tissue_fraction      ? 
_entity_src_gen.pdbx_host_org_strain               CodonPlusRIL 
_entity_src_gen.pdbx_host_org_variant              ? 
_entity_src_gen.pdbx_host_org_cell_line            ? 
_entity_src_gen.pdbx_host_org_atcc                 ? 
_entity_src_gen.pdbx_host_org_culture_collection   ? 
_entity_src_gen.pdbx_host_org_cell                 ? 
_entity_src_gen.pdbx_host_org_organelle            ? 
_entity_src_gen.pdbx_host_org_cellular_location    ? 
_entity_src_gen.pdbx_host_org_vector_type          PLASMID 
_entity_src_gen.pdbx_host_org_vector               ? 
_entity_src_gen.host_org_details                   ? 
_entity_src_gen.expression_system_id               ? 
_entity_src_gen.plasmid_name                       pET21b 
_entity_src_gen.plasmid_details                    ? 
_entity_src_gen.pdbx_description                   ? 
# 
_struct_ref.id                         1 
_struct_ref.db_name                    UNP 
_struct_ref.db_code                    STOPP_PYRHO 
_struct_ref.pdbx_db_accession          O59179 
_struct_ref.entity_id                  1 
_struct_ref.pdbx_seq_one_letter_code   KARTGKEEMIGLIGTVVEELNPEGMIKVRGELWKARSKFNGKIEKGEKVRVVDMDGLTLIVVRERKEGGEK 
_struct_ref.pdbx_align_begin           371 
_struct_ref.pdbx_db_isoform            ? 
# 
_struct_ref_seq.align_id                      1 
_struct_ref_seq.ref_id                        1 
_struct_ref_seq.pdbx_PDB_id_code              3WWV 
_struct_ref_seq.pdbx_strand_id                A 
_struct_ref_seq.seq_align_beg                 2 
_struct_ref_seq.pdbx_seq_align_beg_ins_code   ? 
_struct_ref_seq.seq_align_end                 72 
_struct_ref_seq.pdbx_seq_align_end_ins_code   ? 
_struct_ref_seq.pdbx_db_accession             O59179 
_struct_ref_seq.db_align_beg                  371 
_struct_ref_seq.pdbx_db_align_beg_ins_code    ? 
_struct_ref_seq.db_align_end                  441 
_struct_ref_seq.pdbx_db_align_end_ins_code    ? 
_struct_ref_seq.pdbx_auth_seq_align_beg       371 
_struct_ref_seq.pdbx_auth_seq_align_end       441 
# 
loop_
_struct_ref_seq_dif.align_id 
_struct_ref_seq_dif.pdbx_pdb_id_code 
_struct_ref_seq_dif.mon_id 
_struct_ref_seq_dif.pdbx_pdb_strand_id 
_struct_ref_seq_dif.seq_num 
_struct_ref_seq_dif.pdbx_pdb_ins_code 
_struct_ref_seq_dif.pdbx_seq_db_name 
_struct_ref_seq_dif.pdbx_seq_db_accession_code 
_struct_ref_seq_dif.db_mon_id 
_struct_ref_seq_dif.pdbx_seq_db_seq_num 
_struct_ref_seq_dif.details 
_struct_ref_seq_dif.pdbx_auth_seq_num 
_struct_ref_seq_dif.pdbx_ordinal 
1 3WWV MET A 1  ? UNP O59179 ? ? 'expression tag' 370 1 
1 3WWV LEU A 73 ? UNP O59179 ? ? 'expression tag' 442 2 
1 3WWV GLU A 74 ? UNP O59179 ? ? 'expression tag' 443 3 
1 3WWV HIS A 75 ? UNP O59179 ? ? 'expression tag' 444 4 
1 3WWV HIS A 76 ? UNP O59179 ? ? 'expression tag' 445 5 
1 3WWV HIS A 77 ? UNP O59179 ? ? 'expression tag' 446 6 
1 3WWV HIS A 78 ? UNP O59179 ? ? 'expression tag' 447 7 
1 3WWV HIS A 79 ? UNP O59179 ? ? 'expression tag' 448 8 
1 3WWV HIS A 80 ? UNP O59179 ? ? 'expression tag' 449 9 
# 
loop_
_chem_comp.id 
_chem_comp.type 
_chem_comp.mon_nstd_flag 
_chem_comp.name 
_chem_comp.pdbx_synonyms 
_chem_comp.formula 
_chem_comp.formula_weight 
ALA 'L-peptide linking' y ALANINE         ? 'C3 H7 N O2'     89.093  
ARG 'L-peptide linking' y ARGININE        ? 'C6 H15 N4 O2 1' 175.209 
ASN 'L-peptide linking' y ASPARAGINE      ? 'C4 H8 N2 O3'    132.118 
ASP 'L-peptide linking' y 'ASPARTIC ACID' ? 'C4 H7 N O4'     133.103 
GLU 'L-peptide linking' y 'GLUTAMIC ACID' ? 'C5 H9 N O4'     147.129 
GLY 'peptide linking'   y GLYCINE         ? 'C2 H5 N O2'     75.067  
HIS 'L-peptide linking' y HISTIDINE       ? 'C6 H10 N3 O2 1' 156.162 
HOH non-polymer         . WATER           ? 'H2 O'           18.015  
ILE 'L-peptide linking' y ISOLEUCINE      ? 'C6 H13 N O2'    131.173 
LEU 'L-peptide linking' y LEUCINE         ? 'C6 H13 N O2'    131.173 
LYS 'L-peptide linking' y LYSINE          ? 'C6 H15 N2 O2 1' 147.195 
MET 'L-peptide linking' y METHIONINE      ? 'C5 H11 N O2 S'  149.211 
NA  non-polymer         . 'SODIUM ION'    ? 'Na 1'           22.990  
PHE 'L-peptide linking' y PHENYLALANINE   ? 'C9 H11 N O2'    165.189 
PRO 'L-peptide linking' y PROLINE         ? 'C5 H9 N O2'     115.130 
SER 'L-peptide linking' y SERINE          ? 'C3 H7 N O3'     105.093 
THR 'L-peptide linking' y THREONINE       ? 'C4 H9 N O3'     119.119 
TRP 'L-peptide linking' y TRYPTOPHAN      ? 'C11 H12 N2 O2'  204.225 
VAL 'L-peptide linking' y VALINE          ? 'C5 H11 N O2'    117.146 
# 
_exptl.entry_id          3WWV 
_exptl.method            'X-RAY DIFFRACTION' 
_exptl.crystals_number   1 
# 
_exptl_crystal.id                    1 
_exptl_crystal.density_meas          ? 
_exptl_crystal.density_Matthews      1.97 
_exptl_crystal.density_percent_sol   37.63 
_exptl_crystal.description           ? 
_exptl_crystal.F_000                 ? 
_exptl_crystal.preparation           ? 
# 
_exptl_crystal_grow.crystal_id      1 
_exptl_crystal_grow.method          'VAPOR DIFFUSION, SITTING DROP' 
_exptl_crystal_grow.temp            293 
_exptl_crystal_grow.temp_details    ? 
_exptl_crystal_grow.pH              7.5 
_exptl_crystal_grow.pdbx_details    '20% Jeffamine M-600, 0.1M HEPES-NaOH, pH 7.5, VAPOR DIFFUSION, SITTING DROP, temperature 293K' 
_exptl_crystal_grow.pdbx_pH_range   . 
# 
_diffrn.id                     1 
_diffrn.ambient_temp           95 
_diffrn.ambient_temp_details   ? 
_diffrn.crystal_id             1 
# 
_diffrn_detector.diffrn_id              1 
_diffrn_detector.detector               CCD 
_diffrn_detector.type                   'ADSC QUANTUM 315r' 
_diffrn_detector.pdbx_collection_date   2013-02-16 
_diffrn_detector.details                mirror 
# 
_diffrn_radiation.diffrn_id                        1 
_diffrn_radiation.wavelength_id                    1 
_diffrn_radiation.pdbx_monochromatic_or_laue_m_l   M 
_diffrn_radiation.monochromator                    'Si(111)' 
_diffrn_radiation.pdbx_diffrn_protocol             'SINGLE WAVELENGTH' 
_diffrn_radiation.pdbx_scattering_type             x-ray 
# 
_diffrn_radiation_wavelength.id           1 
_diffrn_radiation_wavelength.wavelength   0.9800 
_diffrn_radiation_wavelength.wt           1.0 
# 
_diffrn_source.diffrn_id                   1 
_diffrn_source.source                      SYNCHROTRON 
_diffrn_source.type                        'PHOTON FACTORY BEAMLINE BL-17A' 
_diffrn_source.pdbx_synchrotron_site       'Photon Factory' 
_diffrn_source.pdbx_synchrotron_beamline   BL-17A 
_diffrn_source.pdbx_wavelength             ? 
_diffrn_source.pdbx_wavelength_list        0.9800 
# 
_reflns.entry_id                     3WWV 
_reflns.observed_criterion_sigma_I   ? 
_reflns.observed_criterion_sigma_F   ? 
_reflns.d_resolution_low             19.57 
_reflns.d_resolution_high            2.40 
_reflns.number_obs                   3165 
_reflns.number_all                   ? 
_reflns.percent_possible_obs         99.7 
_reflns.pdbx_Rmerge_I_obs            0.077 
_reflns.pdbx_Rsym_value              ? 
_reflns.pdbx_netI_over_sigmaI        25.9 
_reflns.B_iso_Wilson_estimate        27.6 
_reflns.pdbx_redundancy              10.0 
_reflns.R_free_details               ? 
_reflns.limit_h_max                  ? 
_reflns.limit_h_min                  ? 
_reflns.limit_k_max                  ? 
_reflns.limit_k_min                  ? 
_reflns.limit_l_max                  ? 
_reflns.limit_l_min                  ? 
_reflns.observed_criterion_F_max     ? 
_reflns.observed_criterion_F_min     ? 
_reflns.pdbx_chi_squared             ? 
_reflns.pdbx_scaling_rejects         ? 
_reflns.pdbx_ordinal                 1 
_reflns.pdbx_diffrn_id               1 
# 
_reflns_shell.d_res_high                  2.40 
_reflns_shell.d_res_low                   2.53 
_reflns_shell.percent_possible_all        100 
_reflns_shell.Rmerge_I_obs                0.404 
_reflns_shell.pdbx_Rsym_value             ? 
_reflns_shell.meanI_over_sigI_obs         6.9 
_reflns_shell.pdbx_redundancy             10.5 
_reflns_shell.percent_possible_obs        ? 
_reflns_shell.number_unique_all           443 
_reflns_shell.number_measured_all         ? 
_reflns_shell.number_measured_obs         ? 
_reflns_shell.number_unique_obs           ? 
_reflns_shell.pdbx_chi_squared            ? 
_reflns_shell.pdbx_rejects                ? 
_reflns_shell.pdbx_netI_over_sigmaI_obs   ? 
_reflns_shell.number_possible             ? 
_reflns_shell.Rmerge_F_all                ? 
_reflns_shell.Rmerge_F_obs                ? 
_reflns_shell.Rmerge_I_all                ? 
_reflns_shell.meanI_over_sigI_all         ? 
_reflns_shell.pdbx_Rrim_I_all             ? 
_reflns_shell.pdbx_Rpim_I_all             ? 
_reflns_shell.pdbx_ordinal                1 
_reflns_shell.pdbx_diffrn_id              1 
# 
_refine.entry_id                                 3WWV 
_refine.ls_number_reflns_obs                     2865 
_refine.ls_number_reflns_all                     ? 
_refine.pdbx_ls_sigma_I                          ? 
_refine.pdbx_ls_sigma_F                          ? 
_refine.pdbx_data_cutoff_high_absF               ? 
_refine.pdbx_data_cutoff_low_absF                ? 
_refine.pdbx_data_cutoff_high_rms_absF           ? 
_refine.ls_d_res_low                             18.96 
_refine.ls_d_res_high                            2.40 
_refine.ls_percent_reflns_obs                    99.37 
_refine.ls_R_factor_obs                          0.22464 
_refine.ls_R_factor_all                          ? 
_refine.ls_R_factor_R_work                       0.22084 
_refine.ls_R_factor_R_free                       0.25796 
_refine.ls_R_factor_R_free_error                 ? 
_refine.ls_R_factor_R_free_error_details         ? 
_refine.ls_percent_reflns_R_free                 9.1 
_refine.ls_number_reflns_R_free                  288 
_refine.ls_number_parameters                     ? 
_refine.ls_number_restraints                     ? 
_refine.occupancy_min                            ? 
_refine.occupancy_max                            ? 
_refine.correlation_coeff_Fo_to_Fc               0.929 
_refine.correlation_coeff_Fo_to_Fc_free          0.896 
_refine.B_iso_mean                               31.797 
_refine.aniso_B[1][1]                            0.05 
_refine.aniso_B[2][2]                            0.05 
_refine.aniso_B[3][3]                            -0.17 
_refine.aniso_B[1][2]                            0.03 
_refine.aniso_B[1][3]                            0.00 
_refine.aniso_B[2][3]                            0.00 
_refine.solvent_model_details                    MASK 
_refine.solvent_model_param_ksol                 ? 
_refine.solvent_model_param_bsol                 ? 
_refine.pdbx_solvent_vdw_probe_radii             1.20 
_refine.pdbx_solvent_ion_probe_radii             0.80 
_refine.pdbx_solvent_shrinkage_radii             0.80 
_refine.pdbx_ls_cross_valid_method               THROUGHOUT 
_refine.details                                  'HYDROGENS HAVE BEEN USED IF PRESENT IN THE INPUT' 
_refine.pdbx_starting_model                      'PDB ENTRY 2EXD' 
_refine.pdbx_method_to_determine_struct          'MOLECULAR REPLACEMENT' 
_refine.pdbx_isotropic_thermal_model             ? 
_refine.pdbx_stereochemistry_target_values       'MAXIMUM LIKELIHOOD' 
_refine.pdbx_stereochem_target_val_spec_case     ? 
_refine.pdbx_R_Free_selection_details            RANDOM 
_refine.pdbx_overall_ESU_R                       0.459 
_refine.pdbx_overall_ESU_R_Free                  0.275 
_refine.overall_SU_ML                            0.212 
_refine.pdbx_overall_phase_error                 ? 
_refine.overall_SU_B                             8.997 
_refine.overall_SU_R_Cruickshank_DPI             ? 
_refine.ls_redundancy_reflns_obs                 ? 
_refine.B_iso_min                                ? 
_refine.B_iso_max                                ? 
_refine.overall_SU_R_free                        ? 
_refine.ls_wR_factor_R_free                      ? 
_refine.ls_wR_factor_R_work                      ? 
_refine.overall_FOM_free_R_set                   ? 
_refine.overall_FOM_work_R_set                   ? 
_refine.pdbx_diffrn_id                           1 
_refine.pdbx_refine_id                           'X-RAY DIFFRACTION' 
_refine.pdbx_TLS_residual_ADP_flag               ? 
_refine.pdbx_overall_SU_R_free_Cruickshank_DPI   ? 
_refine.pdbx_overall_SU_R_Blow_DPI               ? 
_refine.pdbx_overall_SU_R_free_Blow_DPI          ? 
# 
_refine_hist.pdbx_refine_id                   'X-RAY DIFFRACTION' 
_refine_hist.cycle_id                         LAST 
_refine_hist.pdbx_number_atoms_protein        507 
_refine_hist.pdbx_number_atoms_nucleic_acid   0 
_refine_hist.pdbx_number_atoms_ligand         1 
_refine_hist.number_atoms_solvent             20 
_refine_hist.number_atoms_total               528 
_refine_hist.d_res_high                       2.40 
_refine_hist.d_res_low                        18.96 
# 
loop_
_refine_ls_restr.type 
_refine_ls_restr.dev_ideal 
_refine_ls_restr.dev_ideal_target 
_refine_ls_restr.weight 
_refine_ls_restr.number 
_refine_ls_restr.pdbx_restraint_function 
_refine_ls_restr.pdbx_refine_id 
r_bond_refined_d             0.007  0.019  ? 510 ? 'X-RAY DIFFRACTION' 
r_bond_other_d               ?      ?      ? ?   ? 'X-RAY DIFFRACTION' 
r_angle_refined_deg          1.316  1.999  ? 677 ? 'X-RAY DIFFRACTION' 
r_angle_other_deg            ?      ?      ? ?   ? 'X-RAY DIFFRACTION' 
r_dihedral_angle_1_deg       6.808  5.000  ? 63  ? 'X-RAY DIFFRACTION' 
r_dihedral_angle_2_deg       36.748 23.333 ? 21  ? 'X-RAY DIFFRACTION' 
r_dihedral_angle_3_deg       15.518 15.000 ? 115 ? 'X-RAY DIFFRACTION' 
r_dihedral_angle_4_deg       21.193 15.000 ? 6   ? 'X-RAY DIFFRACTION' 
r_chiral_restr               0.076  0.200  ? 77  ? 'X-RAY DIFFRACTION' 
r_gen_planes_refined         0.003  0.020  ? 355 ? 'X-RAY DIFFRACTION' 
r_gen_planes_other           ?      ?      ? ?   ? 'X-RAY DIFFRACTION' 
r_nbd_refined                ?      ?      ? ?   ? 'X-RAY DIFFRACTION' 
r_nbd_other                  ?      ?      ? ?   ? 'X-RAY DIFFRACTION' 
r_nbtor_refined              ?      ?      ? ?   ? 'X-RAY DIFFRACTION' 
r_nbtor_other                ?      ?      ? ?   ? 'X-RAY DIFFRACTION' 
r_xyhbond_nbd_refined        ?      ?      ? ?   ? 'X-RAY DIFFRACTION' 
r_xyhbond_nbd_other          ?      ?      ? ?   ? 'X-RAY DIFFRACTION' 
r_metal_ion_refined          ?      ?      ? ?   ? 'X-RAY DIFFRACTION' 
r_metal_ion_other            ?      ?      ? ?   ? 'X-RAY DIFFRACTION' 
r_symmetry_vdw_refined       ?      ?      ? ?   ? 'X-RAY DIFFRACTION' 
r_symmetry_vdw_other         ?      ?      ? ?   ? 'X-RAY DIFFRACTION' 
r_symmetry_hbond_refined     ?      ?      ? ?   ? 'X-RAY DIFFRACTION' 
r_symmetry_hbond_other       ?      ?      ? ?   ? 'X-RAY DIFFRACTION' 
r_symmetry_metal_ion_refined ?      ?      ? ?   ? 'X-RAY DIFFRACTION' 
r_symmetry_metal_ion_other   ?      ?      ? ?   ? 'X-RAY DIFFRACTION' 
r_mcbond_it                  1.649  2.955  ? 255 ? 'X-RAY DIFFRACTION' 
r_mcbond_other               ?      ?      ? ?   ? 'X-RAY DIFFRACTION' 
r_mcangle_it                 2.895  4.411  ? 317 ? 'X-RAY DIFFRACTION' 
r_mcangle_other              ?      ?      ? ?   ? 'X-RAY DIFFRACTION' 
r_scbond_it                  2.209  3.302  ? 255 ? 'X-RAY DIFFRACTION' 
r_scbond_other               ?      ?      ? ?   ? 'X-RAY DIFFRACTION' 
r_scangle_it                 ?      ?      ? ?   ? 'X-RAY DIFFRACTION' 
r_scangle_other              ?      ?      ? ?   ? 'X-RAY DIFFRACTION' 
r_long_range_B_refined       6.385  24.056 ? 726 ? 'X-RAY DIFFRACTION' 
r_long_range_B_other         ?      ?      ? ?   ? 'X-RAY DIFFRACTION' 
r_rigid_bond_restr           ?      ?      ? ?   ? 'X-RAY DIFFRACTION' 
r_sphericity_free            ?      ?      ? ?   ? 'X-RAY DIFFRACTION' 
r_sphericity_bonded          ?      ?      ? ?   ? 'X-RAY DIFFRACTION' 
# 
_refine_ls_shell.pdbx_refine_id                   'X-RAY DIFFRACTION' 
_refine_ls_shell.pdbx_total_number_of_bins_used   20 
_refine_ls_shell.d_res_high                       2.401 
_refine_ls_shell.d_res_low                        2.463 
_refine_ls_shell.number_reflns_R_work             208 
_refine_ls_shell.R_factor_R_work                  0.222 
_refine_ls_shell.percent_reflns_obs               100.00 
_refine_ls_shell.R_factor_R_free                  0.281 
_refine_ls_shell.R_factor_R_free_error            ? 
_refine_ls_shell.percent_reflns_R_free            ? 
_refine_ls_shell.number_reflns_R_free             19 
_refine_ls_shell.number_reflns_all                ? 
_refine_ls_shell.R_factor_all                     ? 
_refine_ls_shell.number_reflns_obs                ? 
_refine_ls_shell.redundancy_reflns_obs            ? 
# 
_struct.entry_id                  3WWV 
_struct.title                     'C-terminal domain of stomatin operon partner protein 1510-C from Pyrococcus horikoshii' 
_struct.pdbx_model_details        ? 
_struct.pdbx_CASP_flag            ? 
_struct.pdbx_model_type_details   ? 
# 
_struct_keywords.entry_id        3WWV 
_struct_keywords.pdbx_keywords   'UNKNOWN FUNCTION' 
_struct_keywords.text            'beta barrel, OB fold, Unknown Function, membrane protein stomatin' 
# 
loop_
_struct_asym.id 
_struct_asym.pdbx_blank_PDB_chainid_flag 
_struct_asym.pdbx_modified 
_struct_asym.entity_id 
_struct_asym.details 
A N N 1 ? 
B N N 2 ? 
C N N 3 ? 
# 
_struct_biol.id        1 
_struct_biol.details   ? 
# 
_struct_conf.conf_type_id            HELX_P 
_struct_conf.id                      HELX_P1 
_struct_conf.pdbx_PDB_helix_id       1 
_struct_conf.beg_label_comp_id       GLY 
_struct_conf.beg_label_asym_id       A 
_struct_conf.beg_label_seq_id        6 
_struct_conf.pdbx_beg_PDB_ins_code   ? 
_struct_conf.end_label_comp_id       ILE 
_struct_conf.end_label_asym_id       A 
_struct_conf.end_label_seq_id        11 
_struct_conf.pdbx_end_PDB_ins_code   ? 
_struct_conf.beg_auth_comp_id        GLY 
_struct_conf.beg_auth_asym_id        A 
_struct_conf.beg_auth_seq_id         375 
_struct_conf.end_auth_comp_id        ILE 
_struct_conf.end_auth_asym_id        A 
_struct_conf.end_auth_seq_id         380 
_struct_conf.pdbx_PDB_helix_class    1 
_struct_conf.details                 ? 
_struct_conf.pdbx_PDB_helix_length   6 
# 
_struct_conf_type.id          HELX_P 
_struct_conf_type.criteria    ? 
_struct_conf_type.reference   ? 
# 
loop_
_struct_conn.id 
_struct_conn.conn_type_id 
_struct_conn.pdbx_leaving_atom_flag 
_struct_conn.pdbx_PDB_id 
_struct_conn.ptnr1_label_asym_id 
_struct_conn.ptnr1_label_comp_id 
_struct_conn.ptnr1_label_seq_id 
_struct_conn.ptnr1_label_atom_id 
_struct_conn.pdbx_ptnr1_label_alt_id 
_struct_conn.pdbx_ptnr1_PDB_ins_code 
_struct_conn.pdbx_ptnr1_standard_comp_id 
_struct_conn.ptnr1_symmetry 
_struct_conn.ptnr2_label_asym_id 
_struct_conn.ptnr2_label_comp_id 
_struct_conn.ptnr2_label_seq_id 
_struct_conn.ptnr2_label_atom_id 
_struct_conn.pdbx_ptnr2_label_alt_id 
_struct_conn.pdbx_ptnr2_PDB_ins_code 
_struct_conn.ptnr1_auth_asym_id 
_struct_conn.ptnr1_auth_comp_id 
_struct_conn.ptnr1_auth_seq_id 
_struct_conn.ptnr2_auth_asym_id 
_struct_conn.ptnr2_auth_comp_id 
_struct_conn.ptnr2_auth_seq_id 
_struct_conn.ptnr2_symmetry 
_struct_conn.pdbx_ptnr3_label_atom_id 
_struct_conn.pdbx_ptnr3_label_seq_id 
_struct_conn.pdbx_ptnr3_label_comp_id 
_struct_conn.pdbx_ptnr3_label_asym_id 
_struct_conn.pdbx_ptnr3_label_alt_id 
_struct_conn.pdbx_ptnr3_PDB_ins_code 
_struct_conn.details 
_struct_conn.pdbx_dist_value 
_struct_conn.pdbx_value_order 
_struct_conn.pdbx_role 
metalc1 metalc ? ? B NA . NA ? ? ? 1_555 C HOH . O ? ? A NA 501 A HOH 619 1_555 ? ? ? ? ? ? ? 2.438 ? ? 
metalc2 metalc ? ? B NA . NA ? ? ? 1_555 C HOH . O ? ? A NA 501 A HOH 620 1_555 ? ? ? ? ? ? ? 2.078 ? ? 
# 
_struct_conn_type.id          metalc 
_struct_conn_type.criteria    ? 
_struct_conn_type.reference   ? 
# 
_struct_mon_prot_cis.pdbx_id                1 
_struct_mon_prot_cis.label_comp_id          ASN 
_struct_mon_prot_cis.label_seq_id           22 
_struct_mon_prot_cis.label_asym_id          A 
_struct_mon_prot_cis.label_alt_id           . 
_struct_mon_prot_cis.pdbx_PDB_ins_code      ? 
_struct_mon_prot_cis.auth_comp_id           ASN 
_struct_mon_prot_cis.auth_seq_id            391 
_struct_mon_prot_cis.auth_asym_id           A 
_struct_mon_prot_cis.pdbx_label_comp_id_2   PRO 
_struct_mon_prot_cis.pdbx_label_seq_id_2    23 
_struct_mon_prot_cis.pdbx_label_asym_id_2   A 
_struct_mon_prot_cis.pdbx_PDB_ins_code_2    ? 
_struct_mon_prot_cis.pdbx_auth_comp_id_2    PRO 
_struct_mon_prot_cis.pdbx_auth_seq_id_2     392 
_struct_mon_prot_cis.pdbx_auth_asym_id_2    A 
_struct_mon_prot_cis.pdbx_PDB_model_num     1 
_struct_mon_prot_cis.pdbx_omega_angle       1.18 
# 
_struct_sheet.id               A 
_struct_sheet.type             ? 
_struct_sheet.number_strands   6 
_struct_sheet.details          ? 
# 
loop_
_struct_sheet_order.sheet_id 
_struct_sheet_order.range_id_1 
_struct_sheet_order.range_id_2 
_struct_sheet_order.offset 
_struct_sheet_order.sense 
A 1 2 ? anti-parallel 
A 2 3 ? anti-parallel 
A 3 4 ? parallel      
A 4 5 ? anti-parallel 
A 5 6 ? anti-parallel 
# 
loop_
_struct_sheet_range.sheet_id 
_struct_sheet_range.id 
_struct_sheet_range.beg_label_comp_id 
_struct_sheet_range.beg_label_asym_id 
_struct_sheet_range.beg_label_seq_id 
_struct_sheet_range.pdbx_beg_PDB_ins_code 
_struct_sheet_range.end_label_comp_id 
_struct_sheet_range.end_label_asym_id 
_struct_sheet_range.end_label_seq_id 
_struct_sheet_range.pdbx_end_PDB_ins_code 
_struct_sheet_range.beg_auth_comp_id 
_struct_sheet_range.beg_auth_asym_id 
_struct_sheet_range.beg_auth_seq_id 
_struct_sheet_range.end_auth_comp_id 
_struct_sheet_range.end_auth_asym_id 
_struct_sheet_range.end_auth_seq_id 
A 1 ILE A 14 ? GLU A 19 ? ILE A 383 GLU A 388 
A 2 GLU A 24 ? VAL A 29 ? GLU A 393 VAL A 398 
A 3 GLU A 32 ? SER A 38 ? GLU A 401 SER A 407 
A 4 THR A 59 ? ARG A 64 ? THR A 428 ARG A 433 
A 5 LYS A 49 ? ASP A 56 ? LYS A 418 ASP A 425 
A 6 ILE A 14 ? GLU A 19 ? ILE A 383 GLU A 388 
# 
loop_
_pdbx_struct_sheet_hbond.sheet_id 
_pdbx_struct_sheet_hbond.range_id_1 
_pdbx_struct_sheet_hbond.range_id_2 
_pdbx_struct_sheet_hbond.range_1_label_atom_id 
_pdbx_struct_sheet_hbond.range_1_label_comp_id 
_pdbx_struct_sheet_hbond.range_1_label_asym_id 
_pdbx_struct_sheet_hbond.range_1_label_seq_id 
_pdbx_struct_sheet_hbond.range_1_PDB_ins_code 
_pdbx_struct_sheet_hbond.range_1_auth_atom_id 
_pdbx_struct_sheet_hbond.range_1_auth_comp_id 
_pdbx_struct_sheet_hbond.range_1_auth_asym_id 
_pdbx_struct_sheet_hbond.range_1_auth_seq_id 
_pdbx_struct_sheet_hbond.range_2_label_atom_id 
_pdbx_struct_sheet_hbond.range_2_label_comp_id 
_pdbx_struct_sheet_hbond.range_2_label_asym_id 
_pdbx_struct_sheet_hbond.range_2_label_seq_id 
_pdbx_struct_sheet_hbond.range_2_PDB_ins_code 
_pdbx_struct_sheet_hbond.range_2_auth_atom_id 
_pdbx_struct_sheet_hbond.range_2_auth_comp_id 
_pdbx_struct_sheet_hbond.range_2_auth_asym_id 
_pdbx_struct_sheet_hbond.range_2_auth_seq_id 
A 1 2 N THR A 16 ? N THR A 385 O LYS A 28 ? O LYS A 397 
A 2 3 N ILE A 27 ? N ILE A 396 O TRP A 34 ? O TRP A 403 
A 3 4 N LYS A 35 ? N LYS A 404 O LEU A 60 ? O LEU A 429 
A 4 5 O VAL A 63 ? O VAL A 432 N ARG A 51 ? N ARG A 420 
A 5 6 O VAL A 50 ? O VAL A 419 N GLY A 15 ? N GLY A 384 
# 
_struct_site.id                   AC1 
_struct_site.pdbx_evidence_code   Software 
_struct_site.pdbx_auth_asym_id    A 
_struct_site.pdbx_auth_comp_id    NA 
_struct_site.pdbx_auth_seq_id     501 
_struct_site.pdbx_auth_ins_code   ? 
_struct_site.pdbx_num_residues    4 
_struct_site.details              'BINDING SITE FOR RESIDUE NA A 501' 
# 
loop_
_struct_site_gen.id 
_struct_site_gen.site_id 
_struct_site_gen.pdbx_num_res 
_struct_site_gen.label_comp_id 
_struct_site_gen.label_asym_id 
_struct_site_gen.label_seq_id 
_struct_site_gen.pdbx_auth_ins_code 
_struct_site_gen.auth_comp_id 
_struct_site_gen.auth_asym_id 
_struct_site_gen.auth_seq_id 
_struct_site_gen.label_atom_id 
_struct_site_gen.label_alt_id 
_struct_site_gen.symmetry 
_struct_site_gen.details 
1 AC1 4 HOH C . ? HOH A 619 . ? 1_555  ? 
2 AC1 4 HOH C . ? HOH A 619 . ? 10_665 ? 
3 AC1 4 HOH C . ? HOH A 620 . ? 10_665 ? 
4 AC1 4 HOH C . ? HOH A 620 . ? 1_555  ? 
# 
_atom_sites.entry_id                    3WWV 
_atom_sites.fract_transf_matrix[1][1]   -0.00817234 
_atom_sites.fract_transf_matrix[1][2]   0.00915131 
_atom_sites.fract_transf_matrix[1][3]   0.00901260 
_atom_sites.fract_transf_matrix[2][1]   -0.01478241 
_atom_sites.fract_transf_matrix[2][2]   -0.00281306 
_atom_sites.fract_transf_matrix[2][3]   0.00231025 
_atom_sites.fract_transf_matrix[3][1]   0.00530913 
_atom_sites.fract_transf_matrix[3][2]   -0.01305711 
_atom_sites.fract_transf_matrix[3][3]   0.01807223 
_atom_sites.fract_transf_vector[1]      0.440657 
_atom_sites.fract_transf_vector[2]      0.242243 
_atom_sites.fract_transf_vector[3]      0.394545 
# 
loop_
_atom_type.symbol 
C  
N  
NA 
O  
S  
# 
loop_
_atom_site.group_PDB 
_atom_site.id 
_atom_site.type_symbol 
_atom_site.label_atom_id 
_atom_site.label_alt_id 
_atom_site.label_comp_id 
_atom_site.label_asym_id 
_atom_site.label_entity_id 
_atom_site.label_seq_id 
_atom_site.pdbx_PDB_ins_code 
_atom_site.Cartn_x 
_atom_site.Cartn_y 
_atom_site.Cartn_z 
_atom_site.occupancy 
_atom_site.B_iso_or_equiv 
_atom_site.pdbx_formal_charge 
_atom_site.auth_seq_id 
_atom_site.auth_comp_id 
_atom_site.auth_asym_id 
_atom_site.auth_atom_id 
_atom_site.pdbx_PDB_model_num 
ATOM   1   N  N   . ARG A 1 4  ? 9.027   13.213  9.720   1.00 60.07 ? 373 ARG A N   1 
ATOM   2   C  CA  . ARG A 1 4  ? 8.053   12.404  8.937   1.00 59.35 ? 373 ARG A CA  1 
ATOM   3   C  C   . ARG A 1 4  ? 8.585   12.099  7.537   1.00 59.21 ? 373 ARG A C   1 
ATOM   4   O  O   . ARG A 1 4  ? 8.936   13.026  6.801   1.00 60.76 ? 373 ARG A O   1 
ATOM   5   C  CB  . ARG A 1 4  ? 6.719   13.156  8.815   1.00 60.01 ? 373 ARG A CB  1 
ATOM   6   C  CG  . ARG A 1 4  ? 5.914   13.302  10.099  1.00 62.77 ? 373 ARG A CG  1 
ATOM   7   C  CD  . ARG A 1 4  ? 6.266   14.560  10.887  1.00 63.46 ? 373 ARG A CD  1 
ATOM   8   N  NE  . ARG A 1 4  ? 5.105   15.097  11.607  1.00 61.50 ? 373 ARG A NE  1 
ATOM   9   C  CZ  . ARG A 1 4  ? 5.140   16.118  12.465  1.00 58.87 ? 373 ARG A CZ  1 
ATOM   10  N  NH1 . ARG A 1 4  ? 6.284   16.736  12.743  1.00 56.17 ? 373 ARG A NH1 1 
ATOM   11  N  NH2 . ARG A 1 4  ? 4.021   16.521  13.050  1.00 57.61 ? 373 ARG A NH2 1 
ATOM   12  N  N   . THR A 1 5  ? 8.647   10.813  7.172   1.00 57.92 ? 374 THR A N   1 
ATOM   13  C  CA  . THR A 1 5  ? 8.881   10.396  5.772   1.00 55.83 ? 374 THR A CA  1 
ATOM   14  C  C   . THR A 1 5  ? 7.701   10.858  4.910   1.00 54.13 ? 374 THR A C   1 
ATOM   15  O  O   . THR A 1 5  ? 6.626   10.259  4.950   1.00 53.26 ? 374 THR A O   1 
ATOM   16  C  CB  . THR A 1 5  ? 9.060   8.861   5.628   1.00 55.45 ? 374 THR A CB  1 
ATOM   17  O  OG1 . THR A 1 5  ? 10.217  8.436   6.357   1.00 54.63 ? 374 THR A OG1 1 
ATOM   18  C  CG2 . THR A 1 5  ? 9.231   8.459   4.165   1.00 51.79 ? 374 THR A CG2 1 
ATOM   19  N  N   . GLY A 1 6  ? 7.914   11.924  4.137   1.00 51.50 ? 375 GLY A N   1 
ATOM   20  C  CA  . GLY A 1 6  ? 6.831   12.629  3.445   1.00 46.18 ? 375 GLY A CA  1 
ATOM   21  C  C   . GLY A 1 6  ? 6.065   11.845  2.399   1.00 43.41 ? 375 GLY A C   1 
ATOM   22  O  O   . GLY A 1 6  ? 6.458   10.749  2.006   1.00 42.25 ? 375 GLY A O   1 
ATOM   23  N  N   . LYS A 1 7  ? 4.959   12.429  1.947   1.00 43.62 ? 376 LYS A N   1 
ATOM   24  C  CA  . LYS A 1 7  ? 4.137   11.867  0.875   1.00 41.80 ? 376 LYS A CA  1 
ATOM   25  C  C   . LYS A 1 7  ? 4.905   11.741  -0.439  1.00 41.23 ? 376 LYS A C   1 
ATOM   26  O  O   . LYS A 1 7  ? 4.711   10.792  -1.202  1.00 41.38 ? 376 LYS A O   1 
ATOM   27  C  CB  . LYS A 1 7  ? 2.891   12.723  0.657   1.00 41.16 ? 376 LYS A CB  1 
ATOM   28  C  CG  . LYS A 1 7  ? 1.868   12.646  1.772   1.00 40.40 ? 376 LYS A CG  1 
ATOM   29  C  CD  . LYS A 1 7  ? 0.556   13.251  1.313   1.00 41.89 ? 376 LYS A CD  1 
ATOM   30  C  CE  . LYS A 1 7  ? -0.452  13.304  2.448   1.00 43.68 ? 376 LYS A CE  1 
ATOM   31  N  NZ  . LYS A 1 7  ? -1.751  13.864  1.982   1.00 44.30 ? 376 LYS A NZ  1 
ATOM   32  N  N   . GLU A 1 8  ? 5.782   12.705  -0.687  1.00 39.38 ? 377 GLU A N   1 
ATOM   33  C  CA  . GLU A 1 8  ? 6.513   12.782  -1.934  1.00 39.21 ? 377 GLU A CA  1 
ATOM   34  C  C   . GLU A 1 8  ? 7.411   11.564  -2.144  1.00 36.34 ? 377 GLU A C   1 
ATOM   35  O  O   . GLU A 1 8  ? 7.618   11.129  -3.271  1.00 36.65 ? 377 GLU A O   1 
ATOM   36  C  CB  . GLU A 1 8  ? 7.327   14.072  -1.974  1.00 41.44 ? 377 GLU A CB  1 
ATOM   37  C  CG  . GLU A 1 8  ? 7.828   14.428  -3.362  1.00 45.90 ? 377 GLU A CG  1 
ATOM   38  C  CD  . GLU A 1 8  ? 8.257   15.879  -3.488  1.00 48.21 ? 377 GLU A CD  1 
ATOM   39  O  OE1 . GLU A 1 8  ? 8.903   16.207  -4.506  1.00 49.24 ? 377 GLU A OE1 1 
ATOM   40  O  OE2 . GLU A 1 8  ? 7.949   16.690  -2.581  1.00 50.51 ? 377 GLU A OE2 1 
ATOM   41  N  N   . GLU A 1 9  ? 7.928   11.015  -1.052  1.00 33.91 ? 378 GLU A N   1 
ATOM   42  C  CA  . GLU A 1 9  ? 8.851   9.893   -1.116  1.00 31.36 ? 378 GLU A CA  1 
ATOM   43  C  C   . GLU A 1 9  ? 8.121   8.598   -1.438  1.00 28.34 ? 378 GLU A C   1 
ATOM   44  O  O   . GLU A 1 9  ? 8.668   7.731   -2.113  1.00 28.56 ? 378 GLU A O   1 
ATOM   45  C  CB  . GLU A 1 9  ? 9.610   9.739   0.207   1.00 33.74 ? 378 GLU A CB  1 
ATOM   46  C  CG  . GLU A 1 9  ? 10.166  11.035  0.778   1.00 38.60 ? 378 GLU A CG  1 
ATOM   47  C  CD  . GLU A 1 9  ? 10.885  10.831  2.103   1.00 42.62 ? 378 GLU A CD  1 
ATOM   48  O  OE1 . GLU A 1 9  ? 10.518  11.509  3.087   1.00 45.22 ? 378 GLU A OE1 1 
ATOM   49  O  OE2 . GLU A 1 9  ? 11.809  9.984   2.167   1.00 44.51 ? 378 GLU A OE2 1 
ATOM   50  N  N   . MET A 1 10 ? 6.887   8.470   -0.959  1.00 25.46 ? 379 MET A N   1 
ATOM   51  C  CA  . MET A 1 10 ? 6.163   7.194   -1.033  1.00 24.72 ? 379 MET A CA  1 
ATOM   52  C  C   . MET A 1 10 ? 5.210   7.077   -2.222  1.00 23.69 ? 379 MET A C   1 
ATOM   53  O  O   . MET A 1 10 ? 5.025   5.983   -2.759  1.00 23.73 ? 379 MET A O   1 
ATOM   54  C  CB  . MET A 1 10 ? 5.379   6.922   0.262   1.00 24.72 ? 379 MET A CB  1 
ATOM   55  C  CG  . MET A 1 10 ? 6.210   6.905   1.539   1.00 25.00 ? 379 MET A CG  1 
ATOM   56  S  SD  . MET A 1 10 ? 7.620   5.806   1.413   1.00 25.84 ? 379 MET A SD  1 
ATOM   57  C  CE  . MET A 1 10 ? 6.840   4.193   1.327   1.00 24.89 ? 379 MET A CE  1 
ATOM   58  N  N   . ILE A 1 11 ? 4.610   8.194   -2.621  1.00 21.18 ? 380 ILE A N   1 
ATOM   59  C  CA  . ILE A 1 11 ? 3.571   8.173   -3.633  1.00 20.80 ? 380 ILE A CA  1 
ATOM   60  C  C   . ILE A 1 11 ? 4.136   7.781   -5.007  1.00 21.32 ? 380 ILE A C   1 
ATOM   61  O  O   . ILE A 1 11 ? 5.155   8.310   -5.458  1.00 21.03 ? 380 ILE A O   1 
ATOM   62  C  CB  . ILE A 1 11 ? 2.762   9.498   -3.638  1.00 20.06 ? 380 ILE A CB  1 
ATOM   63  C  CG1 . ILE A 1 11 ? 1.942   9.591   -2.347  1.00 19.62 ? 380 ILE A CG1 1 
ATOM   64  C  CG2 . ILE A 1 11 ? 1.825   9.567   -4.837  1.00 19.65 ? 380 ILE A CG2 1 
ATOM   65  C  CD1 . ILE A 1 11 ? 1.206   10.899  -2.151  1.00 20.86 ? 380 ILE A CD1 1 
ATOM   66  N  N   . GLY A 1 12 ? 3.489   6.815   -5.649  1.00 21.72 ? 381 GLY A N   1 
ATOM   67  C  CA  . GLY A 1 12 ? 3.946   6.324   -6.946  1.00 21.35 ? 381 GLY A CA  1 
ATOM   68  C  C   . GLY A 1 12 ? 4.728   5.031   -6.888  1.00 21.82 ? 381 GLY A C   1 
ATOM   69  O  O   . GLY A 1 12 ? 4.870   4.358   -7.903  1.00 21.90 ? 381 GLY A O   1 
ATOM   70  N  N   . LEU A 1 13 ? 5.249   4.680   -5.711  1.00 22.72 ? 382 LEU A N   1 
ATOM   71  C  CA  . LEU A 1 13 ? 6.026   3.440   -5.555  1.00 23.39 ? 382 LEU A CA  1 
ATOM   72  C  C   . LEU A 1 13 ? 5.156   2.189   -5.653  1.00 24.17 ? 382 LEU A C   1 
ATOM   73  O  O   . LEU A 1 13 ? 3.949   2.234   -5.389  1.00 24.26 ? 382 LEU A O   1 
ATOM   74  C  CB  . LEU A 1 13 ? 6.785   3.418   -4.218  1.00 23.13 ? 382 LEU A CB  1 
ATOM   75  C  CG  . LEU A 1 13 ? 7.940   4.412   -4.034  1.00 23.99 ? 382 LEU A CG  1 
ATOM   76  C  CD1 . LEU A 1 13 ? 8.545   4.303   -2.644  1.00 22.62 ? 382 LEU A CD1 1 
ATOM   77  C  CD2 . LEU A 1 13 ? 9.012   4.238   -5.104  1.00 23.70 ? 382 LEU A CD2 1 
ATOM   78  N  N   . ILE A 1 14 ? 5.787   1.073   -6.016  1.00 25.35 ? 383 ILE A N   1 
ATOM   79  C  CA  . ILE A 1 14 ? 5.131   -0.230  -6.026  1.00 26.21 ? 383 ILE A CA  1 
ATOM   80  C  C   . ILE A 1 14 ? 5.529   -0.998  -4.761  1.00 25.81 ? 383 ILE A C   1 
ATOM   81  O  O   . ILE A 1 14 ? 6.647   -0.862  -4.267  1.00 26.48 ? 383 ILE A O   1 
ATOM   82  C  CB  . ILE A 1 14 ? 5.437   -1.025  -7.327  1.00 27.68 ? 383 ILE A CB  1 
ATOM   83  C  CG1 . ILE A 1 14 ? 4.386   -2.110  -7.576  1.00 29.02 ? 383 ILE A CG1 1 
ATOM   84  C  CG2 . ILE A 1 14 ? 6.844   -1.614  -7.303  1.00 28.72 ? 383 ILE A CG2 1 
ATOM   85  C  CD1 . ILE A 1 14 ? 4.480   -2.778  -8.941  1.00 29.87 ? 383 ILE A CD1 1 
ATOM   86  N  N   . GLY A 1 15 ? 4.591   -1.766  -4.229  1.00 24.46 ? 384 GLY A N   1 
ATOM   87  C  CA  . GLY A 1 15 ? 4.850   -2.648  -3.103  1.00 23.64 ? 384 GLY A CA  1 
ATOM   88  C  C   . GLY A 1 15 ? 4.135   -3.979  -3.254  1.00 24.02 ? 384 GLY A C   1 
ATOM   89  O  O   . GLY A 1 15 ? 3.456   -4.234  -4.257  1.00 23.55 ? 384 GLY A O   1 
ATOM   90  N  N   . THR A 1 16 ? 4.288   -4.837  -2.255  1.00 23.96 ? 385 THR A N   1 
ATOM   91  C  CA  . THR A 1 16 ? 3.673   -6.149  -2.291  1.00 23.15 ? 385 THR A CA  1 
ATOM   92  C  C   . THR A 1 16 ? 2.936   -6.322  -0.987  1.00 23.53 ? 385 THR A C   1 
ATOM   93  O  O   . THR A 1 16 ? 3.464   -5.973  0.073   1.00 23.26 ? 385 THR A O   1 
ATOM   94  C  CB  . THR A 1 16 ? 4.740   -7.241  -2.448  1.00 23.87 ? 385 THR A CB  1 
ATOM   95  O  OG1 . THR A 1 16 ? 5.609   -6.890  -3.530  1.00 24.45 ? 385 THR A OG1 1 
ATOM   96  C  CG2 . THR A 1 16 ? 4.111   -8.598  -2.742  1.00 24.16 ? 385 THR A CG2 1 
ATOM   97  N  N   . VAL A 1 17 ? 1.703   -6.817  -1.064  1.00 23.24 ? 386 VAL A N   1 
ATOM   98  C  CA  . VAL A 1 17 ? 0.927   -7.090  0.136   1.00 22.81 ? 386 VAL A CA  1 
ATOM   99  C  C   . VAL A 1 17 ? 1.601   -8.235  0.891   1.00 23.60 ? 386 VAL A C   1 
ATOM   100 O  O   . VAL A 1 17 ? 1.871   -9.288  0.310   1.00 24.61 ? 386 VAL A O   1 
ATOM   101 C  CB  . VAL A 1 17 ? -0.538  -7.459  -0.181  1.00 22.54 ? 386 VAL A CB  1 
ATOM   102 C  CG1 . VAL A 1 17 ? -1.297  -7.776  1.105   1.00 21.82 ? 386 VAL A CG1 1 
ATOM   103 C  CG2 . VAL A 1 17 ? -1.238  -6.351  -0.968  1.00 21.18 ? 386 VAL A CG2 1 
ATOM   104 N  N   . VAL A 1 18 ? 1.885   -8.009  2.175   1.00 24.07 ? 387 VAL A N   1 
ATOM   105 C  CA  . VAL A 1 18 ? 2.437   -9.041  3.051   1.00 25.09 ? 387 VAL A CA  1 
ATOM   106 C  C   . VAL A 1 18 ? 1.384   -9.531  4.049   1.00 26.47 ? 387 VAL A C   1 
ATOM   107 O  O   . VAL A 1 18 ? 1.432   -10.669 4.510   1.00 26.99 ? 387 VAL A O   1 
ATOM   108 C  CB  . VAL A 1 18 ? 3.756   -8.597  3.737   1.00 25.26 ? 387 VAL A CB  1 
ATOM   109 C  CG1 . VAL A 1 18 ? 4.848   -8.397  2.694   1.00 24.68 ? 387 VAL A CG1 1 
ATOM   110 C  CG2 . VAL A 1 18 ? 3.579   -7.302  4.513   1.00 25.58 ? 387 VAL A CG2 1 
ATOM   111 N  N   . GLU A 1 19 ? 0.408   -8.676  4.346   1.00 27.12 ? 388 GLU A N   1 
ATOM   112 C  CA  . GLU A 1 19 ? -0.763  -9.077  5.114   1.00 28.59 ? 388 GLU A CA  1 
ATOM   113 C  C   . GLU A 1 19 ? -2.016  -8.486  4.461   1.00 28.62 ? 388 GLU A C   1 
ATOM   114 O  O   . GLU A 1 19 ? -2.147  -7.264  4.360   1.00 28.59 ? 388 GLU A O   1 
ATOM   115 C  CB  . GLU A 1 19 ? -0.637  -8.622  6.573   1.00 29.20 ? 388 GLU A CB  1 
ATOM   116 C  CG  . GLU A 1 19 ? -1.867  -8.909  7.415   1.00 31.02 ? 388 GLU A CG  1 
ATOM   117 C  CD  . GLU A 1 19 ? -1.715  -8.432  8.846   1.00 32.55 ? 388 GLU A CD  1 
ATOM   118 O  OE1 . GLU A 1 19 ? -1.143  -9.181  9.667   1.00 34.90 ? 388 GLU A OE1 1 
ATOM   119 O  OE2 . GLU A 1 19 ? -2.174  -7.315  9.154   1.00 32.56 ? 388 GLU A OE2 1 
ATOM   120 N  N   . GLU A 1 20 ? -2.924  -9.364  4.033   1.00 28.84 ? 389 GLU A N   1 
ATOM   121 C  CA  . GLU A 1 20 ? -4.114  -8.995  3.249   1.00 29.40 ? 389 GLU A CA  1 
ATOM   122 C  C   . GLU A 1 20 ? -4.728  -7.655  3.642   1.00 28.70 ? 389 GLU A C   1 
ATOM   123 O  O   . GLU A 1 20 ? -4.969  -7.391  4.826   1.00 28.09 ? 389 GLU A O   1 
ATOM   124 C  CB  . GLU A 1 20 ? -5.182  -10.098 3.309   1.00 30.34 ? 389 GLU A CB  1 
ATOM   125 C  CG  . GLU A 1 20 ? -6.379  -9.866  2.398   1.00 31.46 ? 389 GLU A CG  1 
ATOM   126 C  CD  . GLU A 1 20 ? -7.404  -10.986 2.471   1.00 34.27 ? 389 GLU A CD  1 
ATOM   127 O  OE1 . GLU A 1 20 ? -8.103  -11.110 3.509   1.00 33.88 ? 389 GLU A OE1 1 
ATOM   128 O  OE2 . GLU A 1 20 ? -7.526  -11.732 1.472   1.00 36.49 ? 389 GLU A OE2 1 
ATOM   129 N  N   . LEU A 1 21 ? -4.976  -6.831  2.623   1.00 27.29 ? 390 LEU A N   1 
ATOM   130 C  CA  . LEU A 1 21 ? -5.667  -5.551  2.774   1.00 27.21 ? 390 LEU A CA  1 
ATOM   131 C  C   . LEU A 1 21 ? -7.168  -5.773  2.705   1.00 27.99 ? 390 LEU A C   1 
ATOM   132 O  O   . LEU A 1 21 ? -7.709  -6.032  1.633   1.00 28.19 ? 390 LEU A O   1 
ATOM   133 C  CB  . LEU A 1 21 ? -5.230  -4.584  1.669   1.00 25.65 ? 390 LEU A CB  1 
ATOM   134 C  CG  . LEU A 1 21 ? -3.950  -3.778  1.849   1.00 24.24 ? 390 LEU A CG  1 
ATOM   135 C  CD1 . LEU A 1 21 ? -2.779  -4.599  2.367   1.00 23.62 ? 390 LEU A CD1 1 
ATOM   136 C  CD2 . LEU A 1 21 ? -3.598  -3.121  0.537   1.00 22.84 ? 390 LEU A CD2 1 
ATOM   137 N  N   . ASN A 1 22 ? -7.841  -5.672  3.846   1.00 29.65 ? 391 ASN A N   1 
ATOM   138 C  CA  . ASN A 1 22 ? -9.260  -6.017  3.910   1.00 32.06 ? 391 ASN A CA  1 
ATOM   139 C  C   . ASN A 1 22 ? -10.189 -5.063  4.678   1.00 30.69 ? 391 ASN A C   1 
ATOM   140 O  O   . ASN A 1 22 ? -10.965 -5.531  5.499   1.00 30.87 ? 391 ASN A O   1 
ATOM   141 C  CB  . ASN A 1 22 ? -9.407  -7.435  4.478   1.00 35.26 ? 391 ASN A CB  1 
ATOM   142 C  CG  . ASN A 1 22 ? -8.664  -7.618  5.797   1.00 38.90 ? 391 ASN A CG  1 
ATOM   143 O  OD1 . ASN A 1 22 ? -7.979  -8.625  5.997   1.00 42.57 ? 391 ASN A OD1 1 
ATOM   144 N  ND2 . ASN A 1 22 ? -8.792  -6.645  6.703   1.00 38.41 ? 391 ASN A ND2 1 
ATOM   145 N  N   . PRO A 1 23 ? -10.141 -3.732  4.403   1.00 30.35 ? 392 PRO A N   1 
ATOM   146 C  CA  . PRO A 1 23 ? -9.334  -2.979  3.435   1.00 28.58 ? 392 PRO A CA  1 
ATOM   147 C  C   . PRO A 1 23 ? -7.963  -2.578  3.995   1.00 28.38 ? 392 PRO A C   1 
ATOM   148 O  O   . PRO A 1 23 ? -7.098  -2.137  3.234   1.00 27.76 ? 392 PRO A O   1 
ATOM   149 C  CB  . PRO A 1 23 ? -10.190 -1.736  3.173   1.00 28.10 ? 392 PRO A CB  1 
ATOM   150 C  CG  . PRO A 1 23 ? -10.900 -1.499  4.460   1.00 27.98 ? 392 PRO A CG  1 
ATOM   151 C  CD  . PRO A 1 23 ? -11.042 -2.832  5.158   1.00 28.77 ? 392 PRO A CD  1 
ATOM   152 N  N   . GLU A 1 24 ? -7.774  -2.754  5.305   1.00 27.89 ? 393 GLU A N   1 
ATOM   153 C  CA  . GLU A 1 24 ? -6.518  -2.429  5.987   1.00 28.45 ? 393 GLU A CA  1 
ATOM   154 C  C   . GLU A 1 24 ? -5.604  -3.648  6.157   1.00 26.63 ? 393 GLU A C   1 
ATOM   155 O  O   . GLU A 1 24 ? -6.064  -4.780  6.294   1.00 24.74 ? 393 GLU A O   1 
ATOM   156 C  CB  . GLU A 1 24 ? -6.798  -1.765  7.344   1.00 31.61 ? 393 GLU A CB  1 
ATOM   157 C  CG  . GLU A 1 24 ? -7.373  -0.356  7.226   1.00 35.92 ? 393 GLU A CG  1 
ATOM   158 C  CD  . GLU A 1 24 ? -7.764  0.262   8.560   1.00 40.14 ? 393 GLU A CD  1 
ATOM   159 O  OE1 . GLU A 1 24 ? -8.449  -0.403  9.367   1.00 41.84 ? 393 GLU A OE1 1 
ATOM   160 O  OE2 . GLU A 1 24 ? -7.400  1.437   8.798   1.00 43.31 ? 393 GLU A OE2 1 
ATOM   161 N  N   . GLY A 1 25 ? -4.301  -3.409  6.136   1.00 26.04 ? 394 GLY A N   1 
ATOM   162 C  CA  . GLY A 1 25 ? -3.322  -4.490  6.243   1.00 25.21 ? 394 GLY A CA  1 
ATOM   163 C  C   . GLY A 1 25 ? -1.897  -3.973  6.232   1.00 25.19 ? 394 GLY A C   1 
ATOM   164 O  O   . GLY A 1 25 ? -1.622  -2.875  6.720   1.00 23.94 ? 394 GLY A O   1 
ATOM   165 N  N   . MET A 1 26 ? -1.007  -4.749  5.628   1.00 25.60 ? 395 MET A N   1 
ATOM   166 C  CA  . MET A 1 26 ? 0.412   -4.510  5.725   1.00 28.59 ? 395 MET A CA  1 
ATOM   167 C  C   . MET A 1 26 ? 1.054   -4.726  4.356   1.00 27.05 ? 395 MET A C   1 
ATOM   168 O  O   . MET A 1 26 ? 0.766   -5.719  3.691   1.00 26.59 ? 395 MET A O   1 
ATOM   169 C  CB  . MET A 1 26 ? 0.989   -5.492  6.746   1.00 33.06 ? 395 MET A CB  1 
ATOM   170 C  CG  . MET A 1 26 ? 2.229   -5.022  7.472   1.00 41.70 ? 395 MET A CG  1 
ATOM   171 S  SD  . MET A 1 26 ? 1.836   -3.891  8.811   1.00 51.57 ? 395 MET A SD  1 
ATOM   172 C  CE  . MET A 1 26 ? 3.453   -3.179  9.111   1.00 47.09 ? 395 MET A CE  1 
ATOM   173 N  N   . ILE A 1 27 ? 1.905   -3.798  3.922   1.00 25.75 ? 396 ILE A N   1 
ATOM   174 C  CA  . ILE A 1 27 ? 2.641   -3.970  2.661   1.00 27.19 ? 396 ILE A CA  1 
ATOM   175 C  C   . ILE A 1 27 ? 4.148   -3.774  2.828   1.00 28.53 ? 396 ILE A C   1 
ATOM   176 O  O   . ILE A 1 27 ? 4.607   -3.125  3.774   1.00 28.53 ? 396 ILE A O   1 
ATOM   177 C  CB  . ILE A 1 27 ? 2.141   -3.055  1.508   1.00 26.09 ? 396 ILE A CB  1 
ATOM   178 C  CG1 . ILE A 1 27 ? 2.443   -1.575  1.789   1.00 26.70 ? 396 ILE A CG1 1 
ATOM   179 C  CG2 . ILE A 1 27 ? 0.676   -3.308  1.199   1.00 25.26 ? 396 ILE A CG2 1 
ATOM   180 C  CD1 . ILE A 1 27 ? 2.057   -0.643  0.651   1.00 25.66 ? 396 ILE A CD1 1 
ATOM   181 N  N   . LYS A 1 28 ? 4.911   -4.344  1.903   1.00 28.81 ? 397 LYS A N   1 
ATOM   182 C  CA  . LYS A 1 28 ? 6.338   -4.115  1.863   1.00 29.86 ? 397 LYS A CA  1 
ATOM   183 C  C   . LYS A 1 28 ? 6.650   -3.181  0.701   1.00 30.18 ? 397 LYS A C   1 
ATOM   184 O  O   . LYS A 1 28 ? 6.316   -3.475  -0.444  1.00 30.20 ? 397 LYS A O   1 
ATOM   185 C  CB  . LYS A 1 28 ? 7.094   -5.436  1.733   1.00 31.79 ? 397 LYS A CB  1 
ATOM   186 C  CG  . LYS A 1 28 ? 8.494   -5.392  2.332   1.00 34.64 ? 397 LYS A CG  1 
ATOM   187 C  CD  . LYS A 1 28 ? 9.100   -6.789  2.421   1.00 37.53 ? 397 LYS A CD  1 
ATOM   188 C  CE  . LYS A 1 28 ? 10.435  -6.780  3.153   1.00 38.74 ? 397 LYS A CE  1 
ATOM   189 N  NZ  . LYS A 1 28 ? 10.276  -6.469  4.604   1.00 39.88 ? 397 LYS A NZ  1 
ATOM   190 N  N   . VAL A 1 29 ? 7.245   -2.034  1.004   1.00 30.75 ? 398 VAL A N   1 
ATOM   191 C  CA  . VAL A 1 29 ? 7.672   -1.102  -0.028  1.00 34.12 ? 398 VAL A CA  1 
ATOM   192 C  C   . VAL A 1 29 ? 9.137   -0.793  0.199   1.00 37.78 ? 398 VAL A C   1 
ATOM   193 O  O   . VAL A 1 29 ? 9.515   -0.338  1.283   1.00 37.82 ? 398 VAL A O   1 
ATOM   194 C  CB  . VAL A 1 29 ? 6.850   0.203   -0.041  1.00 33.80 ? 398 VAL A CB  1 
ATOM   195 C  CG1 . VAL A 1 29 ? 7.453   1.204   -1.012  1.00 33.44 ? 398 VAL A CG1 1 
ATOM   196 C  CG2 . VAL A 1 29 ? 5.415   -0.078  -0.439  1.00 33.28 ? 398 VAL A CG2 1 
ATOM   197 N  N   . ARG A 1 30 ? 9.937   -1.017  -0.848  1.00 43.53 ? 399 ARG A N   1 
ATOM   198 C  CA  . ARG A 1 30 ? 11.397  -1.095  -0.759  1.00 47.41 ? 399 ARG A CA  1 
ATOM   199 C  C   . ARG A 1 30 ? 11.715  -2.253  0.198   1.00 47.32 ? 399 ARG A C   1 
ATOM   200 O  O   . ARG A 1 30 ? 11.301  -3.390  -0.052  1.00 50.29 ? 399 ARG A O   1 
ATOM   201 C  CB  . ARG A 1 30 ? 12.017  0.245   -0.325  1.00 51.10 ? 399 ARG A CB  1 
ATOM   202 C  CG  . ARG A 1 30 ? 11.726  1.399   -1.280  1.00 55.87 ? 399 ARG A CG  1 
ATOM   203 C  CD  . ARG A 1 30 ? 12.003  2.758   -0.647  1.00 60.25 ? 399 ARG A CD  1 
ATOM   204 N  NE  . ARG A 1 30 ? 11.147  3.029   0.513   1.00 64.04 ? 399 ARG A NE  1 
ATOM   205 C  CZ  . ARG A 1 30 ? 11.064  4.199   1.148   1.00 64.93 ? 399 ARG A CZ  1 
ATOM   206 N  NH1 . ARG A 1 30 ? 11.778  5.248   0.754   1.00 65.48 ? 399 ARG A NH1 1 
ATOM   207 N  NH2 . ARG A 1 30 ? 10.254  4.324   2.185   1.00 65.18 ? 399 ARG A NH2 1 
ATOM   208 N  N   . GLY A 1 31 ? 12.409  -1.983  1.295   1.00 43.22 ? 400 GLY A N   1 
ATOM   209 C  CA  . GLY A 1 31 ? 12.650  -3.031  2.273   1.00 44.47 ? 400 GLY A CA  1 
ATOM   210 C  C   . GLY A 1 31 ? 11.733  -2.926  3.475   1.00 43.72 ? 400 GLY A C   1 
ATOM   211 O  O   . GLY A 1 31 ? 11.686  -3.839  4.297   1.00 45.65 ? 400 GLY A O   1 
ATOM   212 N  N   . GLU A 1 32 ? 11.001  -1.816  3.564   1.00 41.36 ? 401 GLU A N   1 
ATOM   213 C  CA  . GLU A 1 32 ? 10.239  -1.454  4.759   1.00 38.81 ? 401 GLU A CA  1 
ATOM   214 C  C   . GLU A 1 32 ? 8.842   -2.050  4.797   1.00 34.56 ? 401 GLU A C   1 
ATOM   215 O  O   . GLU A 1 32 ? 8.147   -2.114  3.777   1.00 32.07 ? 401 GLU A O   1 
ATOM   216 C  CB  . GLU A 1 32 ? 10.082  0.070   4.857   1.00 43.05 ? 401 GLU A CB  1 
ATOM   217 C  CG  . GLU A 1 32 ? 11.343  0.879   5.117   1.00 47.16 ? 401 GLU A CG  1 
ATOM   218 C  CD  . GLU A 1 32 ? 11.027  2.360   5.293   1.00 52.70 ? 401 GLU A CD  1 
ATOM   219 O  OE1 . GLU A 1 32 ? 10.636  2.771   6.417   1.00 53.20 ? 401 GLU A OE1 1 
ATOM   220 O  OE2 . GLU A 1 32 ? 11.159  3.119   4.303   1.00 52.85 ? 401 GLU A OE2 1 
ATOM   221 N  N   . LEU A 1 33 ? 8.421   -2.445  5.993   1.00 30.80 ? 402 LEU A N   1 
ATOM   222 C  CA  . LEU A 1 33 ? 7.033   -2.798  6.232   1.00 28.31 ? 402 LEU A CA  1 
ATOM   223 C  C   . LEU A 1 33 ? 6.230   -1.540  6.523   1.00 28.00 ? 402 LEU A C   1 
ATOM   224 O  O   . LEU A 1 33 ? 6.651   -0.700  7.322   1.00 28.56 ? 402 LEU A O   1 
ATOM   225 C  CB  . LEU A 1 33 ? 6.907   -3.753  7.409   1.00 27.33 ? 402 LEU A CB  1 
ATOM   226 C  CG  . LEU A 1 33 ? 7.375   -5.198  7.270   1.00 27.47 ? 402 LEU A CG  1 
ATOM   227 C  CD1 . LEU A 1 33 ? 7.114   -5.909  8.590   1.00 26.68 ? 402 LEU A CD1 1 
ATOM   228 C  CD2 . LEU A 1 33 ? 6.668   -5.906  6.124   1.00 26.74 ? 402 LEU A CD2 1 
ATOM   229 N  N   . TRP A 1 34 ? 5.069   -1.421  5.877   1.00 26.21 ? 403 TRP A N   1 
ATOM   230 C  CA  . TRP A 1 34 ? 4.152   -0.307  6.102   1.00 24.67 ? 403 TRP A CA  1 
ATOM   231 C  C   . TRP A 1 34 ? 2.712   -0.760  6.341   1.00 24.70 ? 403 TRP A C   1 
ATOM   232 O  O   . TRP A 1 34 ? 2.256   -1.745  5.758   1.00 23.36 ? 403 TRP A O   1 
ATOM   233 C  CB  . TRP A 1 34 ? 4.154   0.619   4.892   1.00 23.99 ? 403 TRP A CB  1 
ATOM   234 C  CG  . TRP A 1 34 ? 5.326   1.507   4.797   1.00 23.80 ? 403 TRP A CG  1 
ATOM   235 C  CD1 . TRP A 1 34 ? 6.547   1.202   4.281   1.00 22.66 ? 403 TRP A CD1 1 
ATOM   236 C  CD2 . TRP A 1 34 ? 5.387   2.881   5.198   1.00 23.84 ? 403 TRP A CD2 1 
ATOM   237 N  NE1 . TRP A 1 34 ? 7.371   2.296   4.346   1.00 22.58 ? 403 TRP A NE1 1 
ATOM   238 C  CE2 . TRP A 1 34 ? 6.685   3.340   4.909   1.00 23.46 ? 403 TRP A CE2 1 
ATOM   239 C  CE3 . TRP A 1 34 ? 4.469   3.765   5.785   1.00 24.23 ? 403 TRP A CE3 1 
ATOM   240 C  CZ2 . TRP A 1 34 ? 7.095   4.652   5.187   1.00 24.39 ? 403 TRP A CZ2 1 
ATOM   241 C  CZ3 . TRP A 1 34 ? 4.872   5.068   6.055   1.00 24.31 ? 403 TRP A CZ3 1 
ATOM   242 C  CH2 . TRP A 1 34 ? 6.173   5.498   5.757   1.00 24.06 ? 403 TRP A CH2 1 
ATOM   243 N  N   . LYS A 1 35 ? 2.001   -0.019  7.191   1.00 25.09 ? 404 LYS A N   1 
ATOM   244 C  CA  . LYS A 1 35 ? 0.557   -0.130  7.280   1.00 25.40 ? 404 LYS A CA  1 
ATOM   245 C  C   . LYS A 1 35 ? 0.005   0.413   5.972   1.00 24.61 ? 404 LYS A C   1 
ATOM   246 O  O   . LYS A 1 35 ? 0.531   1.388   5.430   1.00 24.60 ? 404 LYS A O   1 
ATOM   247 C  CB  . LYS A 1 35 ? 0.012   0.690   8.443   1.00 28.00 ? 404 LYS A CB  1 
ATOM   248 C  CG  . LYS A 1 35 ? 0.228   0.087   9.818   1.00 33.01 ? 404 LYS A CG  1 
ATOM   249 C  CD  . LYS A 1 35 ? -0.342  0.996   10.900  1.00 38.15 ? 404 LYS A CD  1 
ATOM   250 C  CE  . LYS A 1 35 ? -0.612  0.221   12.183  1.00 41.90 ? 404 LYS A CE  1 
ATOM   251 N  NZ  . LYS A 1 35 ? -1.870  0.667   12.857  1.00 45.37 ? 404 LYS A NZ  1 
ATOM   252 N  N   . ALA A 1 36 ? -1.043  -0.223  5.459   1.00 23.75 ? 405 ALA A N   1 
ATOM   253 C  CA  . ALA A 1 36 ? -1.627  0.179   4.187   1.00 23.93 ? 405 ALA A CA  1 
ATOM   254 C  C   . ALA A 1 36 ? -3.128  -0.057  4.165   1.00 24.62 ? 405 ALA A C   1 
ATOM   255 O  O   . ALA A 1 36 ? -3.651  -0.880  4.926   1.00 24.35 ? 405 ALA A O   1 
ATOM   256 C  CB  . ALA A 1 36 ? -0.949  -0.539  3.023   1.00 23.28 ? 405 ALA A CB  1 
ATOM   257 N  N   . ARG A 1 37 ? -3.804  0.679   3.287   1.00 25.06 ? 406 ARG A N   1 
ATOM   258 C  CA  . ARG A 1 37 ? -5.258  0.644   3.158   1.00 27.04 ? 406 ARG A CA  1 
ATOM   259 C  C   . ARG A 1 37 ? -5.591  0.764   1.671   1.00 25.47 ? 406 ARG A C   1 
ATOM   260 O  O   . ARG A 1 37 ? -5.087  1.658   1.005   1.00 25.42 ? 406 ARG A O   1 
ATOM   261 C  CB  . ARG A 1 37 ? -5.860  1.814   3.953   1.00 29.01 ? 406 ARG A CB  1 
ATOM   262 C  CG  . ARG A 1 37 ? -7.376  1.857   4.027   1.00 32.33 ? 406 ARG A CG  1 
ATOM   263 C  CD  . ARG A 1 37 ? -7.867  2.812   5.114   1.00 35.42 ? 406 ARG A CD  1 
ATOM   264 N  NE  . ARG A 1 37 ? -7.794  4.231   4.736   1.00 37.56 ? 406 ARG A NE  1 
ATOM   265 C  CZ  . ARG A 1 37 ? -7.165  5.190   5.430   1.00 38.52 ? 406 ARG A CZ  1 
ATOM   266 N  NH1 . ARG A 1 37 ? -6.525  4.925   6.566   1.00 36.94 ? 406 ARG A NH1 1 
ATOM   267 N  NH2 . ARG A 1 37 ? -7.183  6.436   4.982   1.00 39.29 ? 406 ARG A NH2 1 
ATOM   268 N  N   . SER A 1 38 ? -6.403  -0.142  1.137   1.00 24.64 ? 407 SER A N   1 
ATOM   269 C  CA  . SER A 1 38 ? -6.793  -0.033  -0.263  1.00 25.32 ? 407 SER A CA  1 
ATOM   270 C  C   . SER A 1 38 ? -7.801  1.092   -0.420  1.00 24.26 ? 407 SER A C   1 
ATOM   271 O  O   . SER A 1 38 ? -8.702  1.229   0.404   1.00 23.35 ? 407 SER A O   1 
ATOM   272 C  CB  . SER A 1 38 ? -7.366  -1.338  -0.795  1.00 26.66 ? 407 SER A CB  1 
ATOM   273 O  OG  . SER A 1 38 ? -8.523  -1.699  -0.079  1.00 30.74 ? 407 SER A OG  1 
ATOM   274 N  N   . LYS A 1 39 ? -7.637  1.898   -1.468  1.00 24.21 ? 408 LYS A N   1 
ATOM   275 C  CA  . LYS A 1 39 ? -8.492  3.071   -1.660  1.00 24.69 ? 408 LYS A CA  1 
ATOM   276 C  C   . LYS A 1 39 ? -9.958  2.744   -1.951  1.00 26.07 ? 408 LYS A C   1 
ATOM   277 O  O   . LYS A 1 39 ? -10.842 3.379   -1.390  1.00 25.94 ? 408 LYS A O   1 
ATOM   278 C  CB  . LYS A 1 39 ? -7.947  3.995   -2.740  1.00 24.49 ? 408 LYS A CB  1 
ATOM   279 C  CG  . LYS A 1 39 ? -8.611  5.368   -2.707  1.00 23.95 ? 408 LYS A CG  1 
ATOM   280 C  CD  . LYS A 1 39 ? -8.026  6.313   -3.731  1.00 23.08 ? 408 LYS A CD  1 
ATOM   281 C  CE  . LYS A 1 39 ? -8.918  7.530   -3.868  1.00 24.03 ? 408 LYS A CE  1 
ATOM   282 N  NZ  . LYS A 1 39 ? -8.725  8.500   -2.759  1.00 23.74 ? 408 LYS A NZ  1 
ATOM   283 N  N   . PHE A 1 40 ? -10.217 1.767   -2.819  1.00 27.60 ? 409 PHE A N   1 
ATOM   284 C  CA  . PHE A 1 40 ? -11.601 1.453   -3.199  1.00 30.78 ? 409 PHE A CA  1 
ATOM   285 C  C   . PHE A 1 40 ? -11.969 0.033   -2.848  1.00 35.34 ? 409 PHE A C   1 
ATOM   286 O  O   . PHE A 1 40 ? -13.031 -0.205  -2.260  1.00 33.39 ? 409 PHE A O   1 
ATOM   287 C  CB  . PHE A 1 40 ? -11.827 1.586   -4.704  1.00 28.64 ? 409 PHE A CB  1 
ATOM   288 C  CG  . PHE A 1 40 ? -11.278 2.829   -5.299  1.00 27.14 ? 409 PHE A CG  1 
ATOM   289 C  CD1 . PHE A 1 40 ? -11.992 4.017   -5.232  1.00 26.41 ? 409 PHE A CD1 1 
ATOM   290 C  CD2 . PHE A 1 40 ? -10.061 2.802   -5.969  1.00 26.24 ? 409 PHE A CD2 1 
ATOM   291 C  CE1 . PHE A 1 40 ? -11.489 5.168   -5.805  1.00 26.10 ? 409 PHE A CE1 1 
ATOM   292 C  CE2 . PHE A 1 40 ? -9.556  3.945   -6.550  1.00 25.63 ? 409 PHE A CE2 1 
ATOM   293 C  CZ  . PHE A 1 40 ? -10.267 5.128   -6.460  1.00 25.76 ? 409 PHE A CZ  1 
ATOM   294 N  N   . ASN A 1 41 ? -11.097 -0.896  -3.265  1.00 40.39 ? 410 ASN A N   1 
ATOM   295 C  CA  . ASN A 1 41 ? -11.307 -2.338  -3.136  1.00 44.27 ? 410 ASN A CA  1 
ATOM   296 C  C   . ASN A 1 41 ? -11.588 -2.764  -1.708  1.00 43.88 ? 410 ASN A C   1 
ATOM   297 O  O   . ASN A 1 41 ? -10.992 -2.244  -0.772  1.00 46.52 ? 410 ASN A O   1 
ATOM   298 C  CB  . ASN A 1 41 ? -10.095 -3.118  -3.666  1.00 48.12 ? 410 ASN A CB  1 
ATOM   299 C  CG  . ASN A 1 41 ? -10.069 -3.229  -5.187  1.00 52.18 ? 410 ASN A CG  1 
ATOM   300 O  OD1 . ASN A 1 41 ? -9.128  -3.793  -5.757  1.00 54.96 ? 410 ASN A OD1 1 
ATOM   301 N  ND2 . ASN A 1 41 ? -11.097 -2.698  -5.854  1.00 54.43 ? 410 ASN A ND2 1 
ATOM   302 N  N   . GLY A 1 42 ? -12.503 -3.710  -1.550  1.00 44.28 ? 411 GLY A N   1 
ATOM   303 C  CA  . GLY A 1 42 ? -12.801 -4.269  -0.239  1.00 41.95 ? 411 GLY A CA  1 
ATOM   304 C  C   . GLY A 1 42 ? -11.688 -5.175  0.270   1.00 41.45 ? 411 GLY A C   1 
ATOM   305 O  O   . GLY A 1 42 ? -11.552 -5.346  1.488   1.00 41.53 ? 411 GLY A O   1 
ATOM   306 N  N   . LYS A 1 43 ? -10.893 -5.735  -0.657  1.00 37.35 ? 412 LYS A N   1 
ATOM   307 C  CA  . LYS A 1 43 ? -9.897  -6.769  -0.331  1.00 34.33 ? 412 LYS A CA  1 
ATOM   308 C  C   . LYS A 1 43 ? -8.799  -6.944  -1.397  1.00 32.26 ? 412 LYS A C   1 
ATOM   309 O  O   . LYS A 1 43 ? -9.088  -7.285  -2.546  1.00 31.86 ? 412 LYS A O   1 
ATOM   310 C  CB  . LYS A 1 43 ? -10.590 -8.116  -0.078  1.00 33.92 ? 412 LYS A CB  1 
ATOM   311 C  CG  . LYS A 1 43 ? -9.648  -9.272  0.240   1.00 34.82 ? 412 LYS A CG  1 
ATOM   312 C  CD  . LYS A 1 43 ? -10.352 -10.614 0.112   1.00 37.58 ? 412 LYS A CD  1 
ATOM   313 C  CE  . LYS A 1 43 ? -11.211 -10.893 1.332   1.00 40.46 ? 412 LYS A CE  1 
ATOM   314 N  NZ  . LYS A 1 43 ? -12.220 -11.952 1.066   1.00 43.36 ? 412 LYS A NZ  1 
ATOM   315 N  N   . ILE A 1 44 ? -7.547  -6.719  -1.001  1.00 28.86 ? 413 ILE A N   1 
ATOM   316 C  CA  . ILE A 1 44 ? -6.388  -7.021  -1.844  1.00 27.65 ? 413 ILE A CA  1 
ATOM   317 C  C   . ILE A 1 44 ? -5.515  -8.085  -1.161  1.00 27.55 ? 413 ILE A C   1 
ATOM   318 O  O   . ILE A 1 44 ? -5.088  -7.913  -0.027  1.00 26.45 ? 413 ILE A O   1 
ATOM   319 C  CB  . ILE A 1 44 ? -5.570  -5.755  -2.194  1.00 26.22 ? 413 ILE A CB  1 
ATOM   320 C  CG1 . ILE A 1 44 ? -6.476  -4.685  -2.828  1.00 24.96 ? 413 ILE A CG1 1 
ATOM   321 C  CG2 . ILE A 1 44 ? -4.412  -6.104  -3.123  1.00 25.31 ? 413 ILE A CG2 1 
ATOM   322 C  CD1 . ILE A 1 44 ? -5.765  -3.388  -3.163  1.00 24.66 ? 413 ILE A CD1 1 
ATOM   323 N  N   . GLU A 1 45 ? -5.258  -9.177  -1.876  1.00 29.29 ? 414 GLU A N   1 
ATOM   324 C  CA  . GLU A 1 45 ? -4.700  -10.408 -1.294  1.00 30.76 ? 414 GLU A CA  1 
ATOM   325 C  C   . GLU A 1 45 ? -3.190  -10.368 -1.075  1.00 30.35 ? 414 GLU A C   1 
ATOM   326 O  O   . GLU A 1 45 ? -2.479  -9.589  -1.706  1.00 29.40 ? 414 GLU A O   1 
ATOM   327 C  CB  . GLU A 1 45 ? -5.048  -11.622 -2.172  1.00 31.77 ? 414 GLU A CB  1 
ATOM   328 C  CG  . GLU A 1 45 ? -6.540  -11.928 -2.321  1.00 35.01 ? 414 GLU A CG  1 
ATOM   329 C  CD  . GLU A 1 45 ? -7.261  -11.074 -3.377  1.00 36.76 ? 414 GLU A CD  1 
ATOM   330 O  OE1 . GLU A 1 45 ? -6.642  -10.170 -3.988  1.00 36.49 ? 414 GLU A OE1 1 
ATOM   331 O  OE2 . GLU A 1 45 ? -8.468  -11.313 -3.599  1.00 37.74 ? 414 GLU A OE2 1 
ATOM   332 N  N   . LYS A 1 46 ? -2.716  -11.235 -0.183  1.00 30.18 ? 415 LYS A N   1 
ATOM   333 C  CA  . LYS A 1 46 ? -1.295  -11.413 0.085   1.00 30.58 ? 415 LYS A CA  1 
ATOM   334 C  C   . LYS A 1 46 ? -0.529  -11.772 -1.197  1.00 29.20 ? 415 LYS A C   1 
ATOM   335 O  O   . LYS A 1 46 ? -0.979  -12.601 -1.995  1.00 28.94 ? 415 LYS A O   1 
ATOM   336 C  CB  . LYS A 1 46 ? -1.122  -12.492 1.157   1.00 34.13 ? 415 LYS A CB  1 
ATOM   337 C  CG  . LYS A 1 46 ? 0.308   -12.853 1.529   1.00 38.80 ? 415 LYS A CG  1 
ATOM   338 C  CD  . LYS A 1 46 ? 0.300   -14.000 2.531   1.00 43.61 ? 415 LYS A CD  1 
ATOM   339 C  CE  . LYS A 1 46 ? 1.682   -14.622 2.700   1.00 48.65 ? 415 LYS A CE  1 
ATOM   340 N  NZ  . LYS A 1 46 ? 2.534   -13.867 3.663   1.00 51.10 ? 415 LYS A NZ  1 
ATOM   341 N  N   . GLY A 1 47 ? 0.617   -11.131 -1.399  1.00 27.05 ? 416 GLY A N   1 
ATOM   342 C  CA  . GLY A 1 47 ? 1.410   -11.356 -2.598  1.00 25.71 ? 416 GLY A CA  1 
ATOM   343 C  C   . GLY A 1 47 ? 1.069   -10.454 -3.774  1.00 25.75 ? 416 GLY A C   1 
ATOM   344 O  O   . GLY A 1 47 ? 1.871   -10.324 -4.688  1.00 25.54 ? 416 GLY A O   1 
ATOM   345 N  N   . GLU A 1 48 ? -0.113  -9.837  -3.764  1.00 26.34 ? 417 GLU A N   1 
ATOM   346 C  CA  . GLU A 1 48 ? -0.509  -8.913  -4.845  1.00 28.28 ? 417 GLU A CA  1 
ATOM   347 C  C   . GLU A 1 48 ? 0.378   -7.663  -4.880  1.00 25.74 ? 417 GLU A C   1 
ATOM   348 O  O   . GLU A 1 48 ? 0.838   -7.183  -3.849  1.00 24.25 ? 417 GLU A O   1 
ATOM   349 C  CB  . GLU A 1 48 ? -1.991  -8.503  -4.732  1.00 29.94 ? 417 GLU A CB  1 
ATOM   350 C  CG  . GLU A 1 48 ? -2.990  -9.654  -4.798  1.00 34.83 ? 417 GLU A CG  1 
ATOM   351 C  CD  . GLU A 1 48 ? -3.379  -10.059 -6.215  1.00 39.41 ? 417 GLU A CD  1 
ATOM   352 O  OE1 . GLU A 1 48 ? -3.475  -11.287 -6.487  1.00 41.41 ? 417 GLU A OE1 1 
ATOM   353 O  OE2 . GLU A 1 48 ? -3.609  -9.152  -7.055  1.00 41.67 ? 417 GLU A OE2 1 
ATOM   354 N  N   . LYS A 1 49 ? 0.628   -7.170  -6.086  1.00 26.06 ? 418 LYS A N   1 
ATOM   355 C  CA  . LYS A 1 49 ? 1.339   -5.907  -6.303  1.00 25.83 ? 418 LYS A CA  1 
ATOM   356 C  C   . LYS A 1 49 ? 0.390   -4.707  -6.200  1.00 23.88 ? 418 LYS A C   1 
ATOM   357 O  O   . LYS A 1 49 ? -0.691  -4.704  -6.779  1.00 23.31 ? 418 LYS A O   1 
ATOM   358 C  CB  . LYS A 1 49 ? 2.024   -5.915  -7.675  1.00 27.32 ? 418 LYS A CB  1 
ATOM   359 C  CG  . LYS A 1 49 ? 3.016   -7.048  -7.880  1.00 28.89 ? 418 LYS A CG  1 
ATOM   360 C  CD  . LYS A 1 49 ? 4.181   -6.960  -6.905  1.00 32.07 ? 418 LYS A CD  1 
ATOM   361 C  CE  . LYS A 1 49 ? 5.012   -8.241  -6.927  1.00 35.23 ? 418 LYS A CE  1 
ATOM   362 N  NZ  . LYS A 1 49 ? 6.064   -8.260  -5.868  1.00 35.05 ? 418 LYS A NZ  1 
ATOM   363 N  N   . VAL A 1 50 ? 0.803   -3.687  -5.460  1.00 23.08 ? 419 VAL A N   1 
ATOM   364 C  CA  . VAL A 1 50 ? -0.002  -2.476  -5.299  1.00 22.52 ? 419 VAL A CA  1 
ATOM   365 C  C   . VAL A 1 50 ? 0.799   -1.228  -5.641  1.00 23.34 ? 419 VAL A C   1 
ATOM   366 O  O   . VAL A 1 50 ? 2.042   -1.232  -5.600  1.00 24.39 ? 419 VAL A O   1 
ATOM   367 C  CB  . VAL A 1 50 ? -0.561  -2.326  -3.855  1.00 22.50 ? 419 VAL A CB  1 
ATOM   368 C  CG1 . VAL A 1 50 ? -1.641  -3.359  -3.567  1.00 22.29 ? 419 VAL A CG1 1 
ATOM   369 C  CG2 . VAL A 1 50 ? 0.548   -2.394  -2.815  1.00 22.53 ? 419 VAL A CG2 1 
ATOM   370 N  N   . ARG A 1 51 ? 0.076   -0.153  -5.947  1.00 23.12 ? 420 ARG A N   1 
ATOM   371 C  CA  . ARG A 1 51 ? 0.664   1.143   -6.254  1.00 22.55 ? 420 ARG A CA  1 
ATOM   372 C  C   . ARG A 1 51 ? 0.310   2.122   -5.136  1.00 20.95 ? 420 ARG A C   1 
ATOM   373 O  O   . ARG A 1 51 ? -0.841  2.183   -4.732  1.00 20.17 ? 420 ARG A O   1 
ATOM   374 C  CB  . ARG A 1 51 ? 0.064   1.651   -7.564  1.00 24.51 ? 420 ARG A CB  1 
ATOM   375 C  CG  . ARG A 1 51 ? 0.788   2.836   -8.191  1.00 26.90 ? 420 ARG A CG  1 
ATOM   376 C  CD  . ARG A 1 51 ? 1.588   2.389   -9.399  1.00 29.07 ? 420 ARG A CD  1 
ATOM   377 N  NE  . ARG A 1 51 ? 3.013   2.404   -9.130  1.00 32.50 ? 420 ARG A NE  1 
ATOM   378 C  CZ  . ARG A 1 51 ? 3.936   1.850   -9.909  1.00 33.50 ? 420 ARG A CZ  1 
ATOM   379 N  NH1 . ARG A 1 51 ? 3.590   1.198   -11.010 1.00 33.96 ? 420 ARG A NH1 1 
ATOM   380 N  NH2 . ARG A 1 51 ? 5.212   1.936   -9.574  1.00 34.08 ? 420 ARG A NH2 1 
ATOM   381 N  N   . VAL A 1 52 ? 1.279   2.897   -4.654  1.00 19.75 ? 421 VAL A N   1 
ATOM   382 C  CA  . VAL A 1 52 ? 1.007   3.878   -3.596  1.00 20.34 ? 421 VAL A CA  1 
ATOM   383 C  C   . VAL A 1 52 ? 0.454   5.177   -4.205  1.00 20.73 ? 421 VAL A C   1 
ATOM   384 O  O   . VAL A 1 52 ? 1.129   5.805   -5.014  1.00 21.63 ? 421 VAL A O   1 
ATOM   385 C  CB  . VAL A 1 52 ? 2.262   4.175   -2.730  1.00 20.05 ? 421 VAL A CB  1 
ATOM   386 C  CG1 . VAL A 1 52 ? 1.894   5.030   -1.523  1.00 19.65 ? 421 VAL A CG1 1 
ATOM   387 C  CG2 . VAL A 1 52 ? 2.941   2.885   -2.275  1.00 19.73 ? 421 VAL A CG2 1 
ATOM   388 N  N   . VAL A 1 53 ? -0.760  5.573   -3.820  1.00 20.49 ? 422 VAL A N   1 
ATOM   389 C  CA  . VAL A 1 53 ? -1.428  6.731   -4.439  1.00 21.40 ? 422 VAL A CA  1 
ATOM   390 C  C   . VAL A 1 53 ? -1.594  7.932   -3.506  1.00 23.04 ? 422 VAL A C   1 
ATOM   391 O  O   . VAL A 1 53 ? -1.794  9.065   -3.972  1.00 23.83 ? 422 VAL A O   1 
ATOM   392 C  CB  . VAL A 1 53 ? -2.792  6.368   -5.089  1.00 21.42 ? 422 VAL A CB  1 
ATOM   393 C  CG1 . VAL A 1 53 ? -2.598  5.353   -6.213  1.00 20.84 ? 422 VAL A CG1 1 
ATOM   394 C  CG2 . VAL A 1 53 ? -3.790  5.846   -4.058  1.00 21.26 ? 422 VAL A CG2 1 
ATOM   395 N  N   . ASP A 1 54 ? -1.514  7.685   -2.199  1.00 24.05 ? 423 ASP A N   1 
ATOM   396 C  CA  . ASP A 1 54 ? -1.654  8.737   -1.183  1.00 25.28 ? 423 ASP A CA  1 
ATOM   397 C  C   . ASP A 1 54 ? -1.122  8.237   0.148   1.00 25.50 ? 423 ASP A C   1 
ATOM   398 O  O   . ASP A 1 54 ? -0.700  7.091   0.261   1.00 23.95 ? 423 ASP A O   1 
ATOM   399 C  CB  . ASP A 1 54 ? -3.125  9.141   -1.027  1.00 27.41 ? 423 ASP A CB  1 
ATOM   400 C  CG  . ASP A 1 54 ? -3.302  10.533  -0.449  1.00 29.82 ? 423 ASP A CG  1 
ATOM   401 O  OD1 . ASP A 1 54 ? -2.307  11.255  -0.197  1.00 31.23 ? 423 ASP A OD1 1 
ATOM   402 O  OD2 . ASP A 1 54 ? -4.468  10.913  -0.241  1.00 32.45 ? 423 ASP A OD2 1 
ATOM   403 N  N   . MET A 1 55 ? -1.153  9.105   1.154   1.00 27.66 ? 424 MET A N   1 
ATOM   404 C  CA  . MET A 1 55 ? -0.724  8.748   2.500   1.00 30.03 ? 424 MET A CA  1 
ATOM   405 C  C   . MET A 1 55 ? -1.608  9.420   3.539   1.00 31.14 ? 424 MET A C   1 
ATOM   406 O  O   . MET A 1 55 ? -1.958  10.588  3.407   1.00 30.74 ? 424 MET A O   1 
ATOM   407 C  CB  . MET A 1 55 ? 0.728   9.146   2.723   1.00 31.65 ? 424 MET A CB  1 
ATOM   408 C  CG  . MET A 1 55 ? 1.520   8.109   3.488   1.00 33.86 ? 424 MET A CG  1 
ATOM   409 S  SD  . MET A 1 55 ? 3.184   8.655   3.886   1.00 36.60 ? 424 MET A SD  1 
ATOM   410 C  CE  . MET A 1 55 ? 3.745   9.129   2.272   1.00 34.19 ? 424 MET A CE  1 
ATOM   411 N  N   . ASP A 1 56 ? -1.955  8.655   4.568   1.00 33.21 ? 425 ASP A N   1 
ATOM   412 C  CA  . ASP A 1 56 ? -2.790  9.095   5.673   1.00 34.27 ? 425 ASP A CA  1 
ATOM   413 C  C   . ASP A 1 56 ? -2.001  8.852   6.953   1.00 34.35 ? 425 ASP A C   1 
ATOM   414 O  O   . ASP A 1 56 ? -1.976  7.731   7.474   1.00 33.54 ? 425 ASP A O   1 
ATOM   415 C  CB  . ASP A 1 56 ? -4.073  8.260   5.697   1.00 37.89 ? 425 ASP A CB  1 
ATOM   416 C  CG  . ASP A 1 56 ? -5.159  8.864   6.571   1.00 41.77 ? 425 ASP A CG  1 
ATOM   417 O  OD1 . ASP A 1 56 ? -5.028  10.033  7.008   1.00 42.85 ? 425 ASP A OD1 1 
ATOM   418 O  OD2 . ASP A 1 56 ? -6.162  8.164   6.800   1.00 44.70 ? 425 ASP A OD2 1 
ATOM   419 N  N   . GLY A 1 57 ? -1.354  9.894   7.464   1.00 33.22 ? 426 GLY A N   1 
ATOM   420 C  CA  . GLY A 1 57 ? -0.425  9.722   8.573   1.00 32.93 ? 426 GLY A CA  1 
ATOM   421 C  C   . GLY A 1 57 ? 0.680   8.786   8.126   1.00 32.32 ? 426 GLY A C   1 
ATOM   422 O  O   . GLY A 1 57 ? 1.340   9.046   7.130   1.00 36.28 ? 426 GLY A O   1 
ATOM   423 N  N   . LEU A 1 58 ? 0.849   7.681   8.841   1.00 30.76 ? 427 LEU A N   1 
ATOM   424 C  CA  . LEU A 1 58 ? 1.816   6.652   8.487   1.00 29.63 ? 427 LEU A CA  1 
ATOM   425 C  C   . LEU A 1 58 ? 1.191   5.466   7.731   1.00 29.28 ? 427 LEU A C   1 
ATOM   426 O  O   . LEU A 1 58 ? 1.839   4.427   7.544   1.00 30.82 ? 427 LEU A O   1 
ATOM   427 C  CB  . LEU A 1 58 ? 2.541   6.157   9.749   1.00 29.65 ? 427 LEU A CB  1 
ATOM   428 C  CG  . LEU A 1 58 ? 3.377   7.179   10.528  1.00 30.14 ? 427 LEU A CG  1 
ATOM   429 C  CD1 . LEU A 1 58 ? 3.819   6.594   11.861  1.00 29.95 ? 427 LEU A CD1 1 
ATOM   430 C  CD2 . LEU A 1 58 ? 4.577   7.667   9.713   1.00 29.54 ? 427 LEU A CD2 1 
ATOM   431 N  N   . THR A 1 59 ? -0.061  5.614   7.299   1.00 27.19 ? 428 THR A N   1 
ATOM   432 C  CA  . THR A 1 59 ? -0.747  4.558   6.554   1.00 26.33 ? 428 THR A CA  1 
ATOM   433 C  C   . THR A 1 59 ? -0.721  4.870   5.051   1.00 24.80 ? 428 THR A C   1 
ATOM   434 O  O   . THR A 1 59 ? -1.187  5.929   4.624   1.00 24.84 ? 428 THR A O   1 
ATOM   435 C  CB  . THR A 1 59 ? -2.208  4.374   7.043   1.00 27.54 ? 428 THR A CB  1 
ATOM   436 O  OG1 . THR A 1 59 ? -2.213  4.087   8.447   1.00 28.82 ? 428 THR A OG1 1 
ATOM   437 C  CG2 . THR A 1 59 ? -2.910  3.233   6.310   1.00 27.04 ? 428 THR A CG2 1 
ATOM   438 N  N   . LEU A 1 60 ? -0.172  3.954   4.260   1.00 22.70 ? 429 LEU A N   1 
ATOM   439 C  CA  . LEU A 1 60 ? -0.145  4.112   2.794   1.00 21.22 ? 429 LEU A CA  1 
ATOM   440 C  C   . LEU A 1 60 ? -1.488  3.743   2.172   1.00 20.40 ? 429 LEU A C   1 
ATOM   441 O  O   . LEU A 1 60 ? -2.078  2.723   2.519   1.00 20.30 ? 429 LEU A O   1 
ATOM   442 C  CB  . LEU A 1 60 ? 0.963   3.256   2.175   1.00 19.22 ? 429 LEU A CB  1 
ATOM   443 C  CG  . LEU A 1 60 ? 2.367   3.464   2.719   1.00 18.49 ? 429 LEU A CG  1 
ATOM   444 C  CD1 . LEU A 1 60 ? 3.351   2.543   2.012   1.00 18.53 ? 429 LEU A CD1 1 
ATOM   445 C  CD2 . LEU A 1 60 ? 2.792   4.915   2.572   1.00 18.57 ? 429 LEU A CD2 1 
ATOM   446 N  N   . ILE A 1 61 ? -1.969  4.587   1.262   1.00 20.52 ? 430 ILE A N   1 
ATOM   447 C  CA  . ILE A 1 61 ? -3.205  4.318   0.521   1.00 19.78 ? 430 ILE A CA  1 
ATOM   448 C  C   . ILE A 1 61 ? -2.807  3.827   -0.853  1.00 19.94 ? 430 ILE A C   1 
ATOM   449 O  O   . ILE A 1 61 ? -1.975  4.433   -1.528  1.00 20.81 ? 430 ILE A O   1 
ATOM   450 C  CB  . ILE A 1 61 ? -4.122  5.552   0.482   1.00 20.90 ? 430 ILE A CB  1 
ATOM   451 C  CG1 . ILE A 1 61 ? -4.564  5.877   1.915   1.00 21.18 ? 430 ILE A CG1 1 
ATOM   452 C  CG2 . ILE A 1 61 ? -5.358  5.316   -0.390  1.00 19.95 ? 430 ILE A CG2 1 
ATOM   453 C  CD1 . ILE A 1 61 ? -4.832  7.343   2.137   1.00 22.82 ? 430 ILE A CD1 1 
ATOM   454 N  N   . VAL A 1 62 ? -3.372  2.689   -1.244  1.00 19.20 ? 431 VAL A N   1 
ATOM   455 C  CA  . VAL A 1 62 ? -2.885  1.933   -2.387  1.00 17.62 ? 431 VAL A CA  1 
ATOM   456 C  C   . VAL A 1 62 ? -4.067  1.478   -3.223  1.00 18.42 ? 431 VAL A C   1 
ATOM   457 O  O   . VAL A 1 62 ? -5.185  1.344   -2.705  1.00 18.92 ? 431 VAL A O   1 
ATOM   458 C  CB  . VAL A 1 62 ? -2.060  0.696   -1.949  1.00 17.03 ? 431 VAL A CB  1 
ATOM   459 C  CG1 . VAL A 1 62 ? -0.874  1.089   -1.076  1.00 16.54 ? 431 VAL A CG1 1 
ATOM   460 C  CG2 . VAL A 1 62 ? -2.918  -0.317  -1.213  1.00 16.46 ? 431 VAL A CG2 1 
ATOM   461 N  N   . VAL A 1 63 ? -3.819  1.278   -4.515  1.00 18.68 ? 432 VAL A N   1 
ATOM   462 C  CA  . VAL A 1 63 ? -4.715  0.529   -5.404  1.00 20.15 ? 432 VAL A CA  1 
ATOM   463 C  C   . VAL A 1 63 ? -3.917  -0.680  -5.886  1.00 21.42 ? 432 VAL A C   1 
ATOM   464 O  O   . VAL A 1 63 ? -2.682  -0.650  -5.844  1.00 21.28 ? 432 VAL A O   1 
ATOM   465 C  CB  . VAL A 1 63 ? -5.207  1.369   -6.623  1.00 19.64 ? 432 VAL A CB  1 
ATOM   466 C  CG1 . VAL A 1 63 ? -6.064  2.547   -6.161  1.00 19.31 ? 432 VAL A CG1 1 
ATOM   467 C  CG2 . VAL A 1 63 ? -4.047  1.861   -7.484  1.00 18.44 ? 432 VAL A CG2 1 
ATOM   468 N  N   . ARG A 1 64 ? -4.581  -1.746  -6.332  1.00 23.31 ? 433 ARG A N   1 
ATOM   469 C  CA  . ARG A 1 64 ? -3.810  -2.824  -6.953  1.00 25.23 ? 433 ARG A CA  1 
ATOM   470 C  C   . ARG A 1 64 ? -3.239  -2.355  -8.271  1.00 25.72 ? 433 ARG A C   1 
ATOM   471 O  O   . ARG A 1 64 ? -3.851  -1.556  -8.979  1.00 25.48 ? 433 ARG A O   1 
ATOM   472 C  CB  . ARG A 1 64 ? -4.562  -4.152  -7.123  1.00 26.71 ? 433 ARG A CB  1 
ATOM   473 C  CG  . ARG A 1 64 ? -6.053  -4.087  -7.377  1.00 28.20 ? 433 ARG A CG  1 
ATOM   474 C  CD  . ARG A 1 64 ? -6.556  -5.412  -7.951  1.00 28.93 ? 433 ARG A CD  1 
ATOM   475 N  NE  . ARG A 1 64 ? -5.935  -6.587  -7.354  1.00 28.35 ? 433 ARG A NE  1 
ATOM   476 C  CZ  . ARG A 1 64 ? -6.473  -7.312  -6.376  1.00 28.82 ? 433 ARG A CZ  1 
ATOM   477 N  NH1 . ARG A 1 64 ? -7.654  -7.003  -5.870  1.00 28.34 ? 433 ARG A NH1 1 
ATOM   478 N  NH2 . ARG A 1 64 ? -5.819  -8.353  -5.900  1.00 29.11 ? 433 ARG A NH2 1 
ATOM   479 N  N   . GLU A 1 65 ? -2.044  -2.839  -8.571  1.00 26.18 ? 434 GLU A N   1 
ATOM   480 C  CA  . GLU A 1 65 ? -1.347  -2.455  -9.780  1.00 27.00 ? 434 GLU A CA  1 
ATOM   481 C  C   . GLU A 1 65 ? -2.205  -2.819  -11.009 1.00 26.78 ? 434 GLU A C   1 
ATOM   482 O  O   . GLU A 1 65 ? -2.803  -3.896  -11.060 1.00 24.25 ? 434 GLU A O   1 
ATOM   483 C  CB  . GLU A 1 65 ? 0.029   -3.134  -9.792  1.00 27.10 ? 434 GLU A CB  1 
ATOM   484 C  CG  . GLU A 1 65 ? 0.882   -2.899  -11.032 1.00 29.36 ? 434 GLU A CG  1 
ATOM   485 C  CD  . GLU A 1 65 ? 1.352   -1.463  -11.196 1.00 30.41 ? 434 GLU A CD  1 
ATOM   486 O  OE1 . GLU A 1 65 ? 0.823   -0.553  -10.520 1.00 30.62 ? 434 GLU A OE1 1 
ATOM   487 O  OE2 . GLU A 1 65 ? 2.258   -1.243  -12.026 1.00 32.56 ? 434 GLU A OE2 1 
ATOM   488 N  N   . ARG A 1 66 ? -2.287  -1.907  -11.971 1.00 28.52 ? 435 ARG A N   1 
ATOM   489 C  CA  . ARG A 1 66 ? -3.028  -2.156  -13.211 1.00 31.81 ? 435 ARG A CA  1 
ATOM   490 C  C   . ARG A 1 66 ? -2.351  -3.176  -14.131 1.00 36.04 ? 435 ARG A C   1 
ATOM   491 O  O   . ARG A 1 66 ? -1.119  -3.224  -14.228 1.00 35.93 ? 435 ARG A O   1 
ATOM   492 C  CB  . ARG A 1 66 ? -3.265  -0.852  -13.965 1.00 32.34 ? 435 ARG A CB  1 
ATOM   493 C  CG  . ARG A 1 66 ? -4.078  0.171   -13.189 1.00 32.11 ? 435 ARG A CG  1 
ATOM   494 C  CD  . ARG A 1 66 ? -5.570  -0.034  -13.380 1.00 31.34 ? 435 ARG A CD  1 
ATOM   495 N  NE  . ARG A 1 66 ? -6.306  1.031   -12.713 1.00 30.86 ? 435 ARG A NE  1 
ATOM   496 C  CZ  . ARG A 1 66 ? -7.454  1.552   -13.135 1.00 31.26 ? 435 ARG A CZ  1 
ATOM   497 N  NH1 . ARG A 1 66 ? -8.037  1.120   -14.248 1.00 30.65 ? 435 ARG A NH1 1 
ATOM   498 N  NH2 . ARG A 1 66 ? -8.022  2.515   -12.426 1.00 30.72 ? 435 ARG A NH2 1 
ATOM   499 N  N   . LYS A 1 67 ? -3.184  -3.975  -14.807 1.00 40.23 ? 436 LYS A N   1 
ATOM   500 C  CA  . LYS A 1 67 ? -2.764  -5.063  -15.712 1.00 44.07 ? 436 LYS A CA  1 
ATOM   501 C  C   . LYS A 1 67 ? -1.765  -6.014  -15.053 1.00 46.00 ? 436 LYS A C   1 
ATOM   502 O  O   . LYS A 1 67 ? -2.071  -6.651  -14.039 1.00 47.82 ? 436 LYS A O   1 
ATOM   503 C  CB  . LYS A 1 67 ? -2.215  -4.537  -17.055 1.00 45.67 ? 436 LYS A CB  1 
ATOM   504 C  CG  . LYS A 1 67 ? -2.794  -3.214  -17.560 1.00 47.26 ? 436 LYS A CG  1 
ATOM   505 C  CD  . LYS A 1 67 ? -4.283  -3.276  -17.883 1.00 50.83 ? 436 LYS A CD  1 
ATOM   506 C  CE  . LYS A 1 67 ? -4.797  -1.904  -18.308 1.00 52.31 ? 436 LYS A CE  1 
ATOM   507 N  NZ  . LYS A 1 67 ? -6.188  -1.640  -17.843 1.00 50.70 ? 436 LYS A NZ  1 
HETATM 508 NA NA  . NA  B 2 .  ? -12.812 1.290   1.309   0.50 38.97 ? 501 NA  A NA  1 
HETATM 509 O  O   . HOH C 3 .  ? -2.846  11.785  -3.768  1.00 23.54 ? 601 HOH A O   1 
HETATM 510 O  O   . HOH C 3 .  ? -8.463  -0.161  -4.024  1.00 20.36 ? 602 HOH A O   1 
HETATM 511 O  O   . HOH C 3 .  ? -6.106  -7.111  7.779   1.00 35.02 ? 603 HOH A O   1 
HETATM 512 O  O   . HOH C 3 .  ? 9.068   -2.110  -3.441  1.00 39.19 ? 604 HOH A O   1 
HETATM 513 O  O   . HOH C 3 .  ? -7.454  -1.325  -6.146  1.00 25.25 ? 605 HOH A O   1 
HETATM 514 O  O   . HOH C 3 .  ? -1.232  0.784   -11.136 1.00 32.97 ? 606 HOH A O   1 
HETATM 515 O  O   . HOH C 3 .  ? -4.557  -13.042 1.055   1.00 30.51 ? 607 HOH A O   1 
HETATM 516 O  O   . HOH C 3 .  ? 4.188   -3.535  -12.655 1.00 42.24 ? 608 HOH A O   1 
HETATM 517 O  O   . HOH C 3 .  ? 6.024   11.015  -5.561  1.00 38.20 ? 609 HOH A O   1 
HETATM 518 O  O   . HOH C 3 .  ? -0.390  -8.595  -8.347  1.00 40.38 ? 610 HOH A O   1 
HETATM 519 O  O   . HOH C 3 .  ? -9.604  -4.561  8.207   1.00 31.84 ? 611 HOH A O   1 
HETATM 520 O  O   . HOH C 3 .  ? -5.758  -4.040  -14.539 1.00 25.95 ? 612 HOH A O   1 
HETATM 521 O  O   . HOH C 3 .  ? 9.818   -4.536  -1.889  1.00 46.39 ? 613 HOH A O   1 
HETATM 522 O  O   . HOH C 3 .  ? 1.975   11.609  6.125   1.00 45.09 ? 614 HOH A O   1 
HETATM 523 O  O   . HOH C 3 .  ? -2.690  14.223  -0.392  1.00 44.23 ? 615 HOH A O   1 
HETATM 524 O  O   . HOH C 3 .  ? -5.886  -9.570  7.659   1.00 28.95 ? 616 HOH A O   1 
HETATM 525 O  O   . HOH C 3 .  ? -8.740  -14.512 0.233   1.00 43.31 ? 617 HOH A O   1 
HETATM 526 O  O   . HOH C 3 .  ? -2.841  -12.062 5.175   1.00 32.18 ? 618 HOH A O   1 
HETATM 527 O  O   . HOH C 3 .  ? -11.130 0.148   -0.035  1.00 42.72 ? 619 HOH A O   1 
HETATM 528 O  O   . HOH C 3 .  ? -13.715 -0.343  0.394   0.50 42.12 ? 620 HOH A O   1 
# 
loop_
_pdbx_poly_seq_scheme.asym_id 
_pdbx_poly_seq_scheme.entity_id 
_pdbx_poly_seq_scheme.seq_id 
_pdbx_poly_seq_scheme.mon_id 
_pdbx_poly_seq_scheme.ndb_seq_num 
_pdbx_poly_seq_scheme.pdb_seq_num 
_pdbx_poly_seq_scheme.auth_seq_num 
_pdbx_poly_seq_scheme.pdb_mon_id 
_pdbx_poly_seq_scheme.auth_mon_id 
_pdbx_poly_seq_scheme.pdb_strand_id 
_pdbx_poly_seq_scheme.pdb_ins_code 
_pdbx_poly_seq_scheme.hetero 
A 1 1  MET 1  370 ?   ?   ?   A . n 
A 1 2  LYS 2  371 ?   ?   ?   A . n 
A 1 3  ALA 3  372 ?   ?   ?   A . n 
A 1 4  ARG 4  373 373 ARG ARG A . n 
A 1 5  THR 5  374 374 THR THR A . n 
A 1 6  GLY 6  375 375 GLY GLY A . n 
A 1 7  LYS 7  376 376 LYS LYS A . n 
A 1 8  GLU 8  377 377 GLU GLU A . n 
A 1 9  GLU 9  378 378 GLU GLU A . n 
A 1 10 MET 10 379 379 MET MET A . n 
A 1 11 ILE 11 380 380 ILE ILE A . n 
A 1 12 GLY 12 381 381 GLY GLY A . n 
A 1 13 LEU 13 382 382 LEU LEU A . n 
A 1 14 ILE 14 383 383 ILE ILE A . n 
A 1 15 GLY 15 384 384 GLY GLY A . n 
A 1 16 THR 16 385 385 THR THR A . n 
A 1 17 VAL 17 386 386 VAL VAL A . n 
A 1 18 VAL 18 387 387 VAL VAL A . n 
A 1 19 GLU 19 388 388 GLU GLU A . n 
A 1 20 GLU 20 389 389 GLU GLU A . n 
A 1 21 LEU 21 390 390 LEU LEU A . n 
A 1 22 ASN 22 391 391 ASN ASN A . n 
A 1 23 PRO 23 392 392 PRO PRO A . n 
A 1 24 GLU 24 393 393 GLU GLU A . n 
A 1 25 GLY 25 394 394 GLY GLY A . n 
A 1 26 MET 26 395 395 MET MET A . n 
A 1 27 ILE 27 396 396 ILE ILE A . n 
A 1 28 LYS 28 397 397 LYS LYS A . n 
A 1 29 VAL 29 398 398 VAL VAL A . n 
A 1 30 ARG 30 399 399 ARG ARG A . n 
A 1 31 GLY 31 400 400 GLY GLY A . n 
A 1 32 GLU 32 401 401 GLU GLU A . n 
A 1 33 LEU 33 402 402 LEU LEU A . n 
A 1 34 TRP 34 403 403 TRP TRP A . n 
A 1 35 LYS 35 404 404 LYS LYS A . n 
A 1 36 ALA 36 405 405 ALA ALA A . n 
A 1 37 ARG 37 406 406 ARG ARG A . n 
A 1 38 SER 38 407 407 SER SER A . n 
A 1 39 LYS 39 408 408 LYS LYS A . n 
A 1 40 PHE 40 409 409 PHE PHE A . n 
A 1 41 ASN 41 410 410 ASN ASN A . n 
A 1 42 GLY 42 411 411 GLY GLY A . n 
A 1 43 LYS 43 412 412 LYS LYS A . n 
A 1 44 ILE 44 413 413 ILE ILE A . n 
A 1 45 GLU 45 414 414 GLU GLU A . n 
A 1 46 LYS 46 415 415 LYS LYS A . n 
A 1 47 GLY 47 416 416 GLY GLY A . n 
A 1 48 GLU 48 417 417 GLU GLU A . n 
A 1 49 LYS 49 418 418 LYS LYS A . n 
A 1 50 VAL 50 419 419 VAL VAL A . n 
A 1 51 ARG 51 420 420 ARG ARG A . n 
A 1 52 VAL 52 421 421 VAL VAL A . n 
A 1 53 VAL 53 422 422 VAL VAL A . n 
A 1 54 ASP 54 423 423 ASP ASP A . n 
A 1 55 MET 55 424 424 MET MET A . n 
A 1 56 ASP 56 425 425 ASP ASP A . n 
A 1 57 GLY 57 426 426 GLY GLY A . n 
A 1 58 LEU 58 427 427 LEU LEU A . n 
A 1 59 THR 59 428 428 THR THR A . n 
A 1 60 LEU 60 429 429 LEU LEU A . n 
A 1 61 ILE 61 430 430 ILE ILE A . n 
A 1 62 VAL 62 431 431 VAL VAL A . n 
A 1 63 VAL 63 432 432 VAL VAL A . n 
A 1 64 ARG 64 433 433 ARG ARG A . n 
A 1 65 GLU 65 434 434 GLU GLU A . n 
A 1 66 ARG 66 435 435 ARG ARG A . n 
A 1 67 LYS 67 436 436 LYS LYS A . n 
A 1 68 GLU 68 437 ?   ?   ?   A . n 
A 1 69 GLY 69 438 ?   ?   ?   A . n 
A 1 70 GLY 70 439 ?   ?   ?   A . n 
A 1 71 GLU 71 440 ?   ?   ?   A . n 
A 1 72 LYS 72 441 ?   ?   ?   A . n 
A 1 73 LEU 73 442 ?   ?   ?   A . n 
A 1 74 GLU 74 443 ?   ?   ?   A . n 
A 1 75 HIS 75 444 ?   ?   ?   A . n 
A 1 76 HIS 76 445 ?   ?   ?   A . n 
A 1 77 HIS 77 446 ?   ?   ?   A . n 
A 1 78 HIS 78 447 ?   ?   ?   A . n 
A 1 79 HIS 79 448 ?   ?   ?   A . n 
A 1 80 HIS 80 449 ?   ?   ?   A . n 
# 
loop_
_pdbx_nonpoly_scheme.asym_id 
_pdbx_nonpoly_scheme.entity_id 
_pdbx_nonpoly_scheme.mon_id 
_pdbx_nonpoly_scheme.ndb_seq_num 
_pdbx_nonpoly_scheme.pdb_seq_num 
_pdbx_nonpoly_scheme.auth_seq_num 
_pdbx_nonpoly_scheme.pdb_mon_id 
_pdbx_nonpoly_scheme.auth_mon_id 
_pdbx_nonpoly_scheme.pdb_strand_id 
_pdbx_nonpoly_scheme.pdb_ins_code 
B 2 NA  1  501 1  NA  NA  A . 
C 3 HOH 1  601 2  HOH HOH A . 
C 3 HOH 2  602 3  HOH HOH A . 
C 3 HOH 3  603 4  HOH HOH A . 
C 3 HOH 4  604 5  HOH HOH A . 
C 3 HOH 5  605 6  HOH HOH A . 
C 3 HOH 6  606 7  HOH HOH A . 
C 3 HOH 7  607 8  HOH HOH A . 
C 3 HOH 8  608 9  HOH HOH A . 
C 3 HOH 9  609 10 HOH HOH A . 
C 3 HOH 10 610 11 HOH HOH A . 
C 3 HOH 11 611 12 HOH HOH A . 
C 3 HOH 12 612 13 HOH HOH A . 
C 3 HOH 13 613 14 HOH HOH A . 
C 3 HOH 14 614 15 HOH HOH A . 
C 3 HOH 15 615 16 HOH HOH A . 
C 3 HOH 16 616 17 HOH HOH A . 
C 3 HOH 17 617 18 HOH HOH A . 
C 3 HOH 18 618 19 HOH HOH A . 
C 3 HOH 19 619 20 HOH HOH A . 
C 3 HOH 20 620 21 HOH HOH A . 
# 
_pdbx_struct_assembly.id                   1 
_pdbx_struct_assembly.details              author_and_software_defined_assembly 
_pdbx_struct_assembly.method_details       PISA 
_pdbx_struct_assembly.oligomeric_details   dimeric 
_pdbx_struct_assembly.oligomeric_count     2 
# 
_pdbx_struct_assembly_gen.assembly_id       1 
_pdbx_struct_assembly_gen.oper_expression   1,2 
_pdbx_struct_assembly_gen.asym_id_list      A,B,C 
# 
loop_
_pdbx_struct_assembly_prop.biol_id 
_pdbx_struct_assembly_prop.type 
_pdbx_struct_assembly_prop.value 
_pdbx_struct_assembly_prop.details 
1 'ABSA (A^2)' 1400 ? 
1 MORE         -5   ? 
1 'SSA (A^2)'  7160 ? 
# 
loop_
_pdbx_struct_oper_list.id 
_pdbx_struct_oper_list.type 
_pdbx_struct_oper_list.name 
_pdbx_struct_oper_list.symmetry_operation 
_pdbx_struct_oper_list.matrix[1][1] 
_pdbx_struct_oper_list.matrix[1][2] 
_pdbx_struct_oper_list.matrix[1][3] 
_pdbx_struct_oper_list.vector[1] 
_pdbx_struct_oper_list.matrix[2][1] 
_pdbx_struct_oper_list.matrix[2][2] 
_pdbx_struct_oper_list.matrix[2][3] 
_pdbx_struct_oper_list.vector[2] 
_pdbx_struct_oper_list.matrix[3][1] 
_pdbx_struct_oper_list.matrix[3][2] 
_pdbx_struct_oper_list.matrix[3][3] 
_pdbx_struct_oper_list.vector[3] 
1 'identity operation'         1_555  x,y,z        1.0000000000  0.0000000000  0.0000000000  0.0000000000  0.0000000000  1.0000000000  0.0000000000 0.0000000000  0.0000000000  0.0000000000 1.0000000000  0.0000000000   
2 'crystal symmetry operation' 12_555 x,x-y,-z+1/3 -0.4236749902 -0.6453823910 -0.6355950536 -1.9101783889 -0.6453823910 -0.2772855186 0.7117543892 13.1916981422 -0.6355950536 0.7117543892 -0.2990394912 -15.1268849752 
# 
loop_
_pdbx_struct_special_symmetry.id 
_pdbx_struct_special_symmetry.PDB_model_num 
_pdbx_struct_special_symmetry.auth_asym_id 
_pdbx_struct_special_symmetry.auth_comp_id 
_pdbx_struct_special_symmetry.auth_seq_id 
_pdbx_struct_special_symmetry.PDB_ins_code 
_pdbx_struct_special_symmetry.label_asym_id 
_pdbx_struct_special_symmetry.label_comp_id 
_pdbx_struct_special_symmetry.label_seq_id 
1 1 A NA  501 ? B NA  . 
2 1 A HOH 620 ? C HOH . 
# 
_pdbx_struct_conn_angle.id                    1 
_pdbx_struct_conn_angle.ptnr1_label_atom_id   O 
_pdbx_struct_conn_angle.ptnr1_label_alt_id    ? 
_pdbx_struct_conn_angle.ptnr1_label_asym_id   C 
_pdbx_struct_conn_angle.ptnr1_label_comp_id   HOH 
_pdbx_struct_conn_angle.ptnr1_label_seq_id    . 
_pdbx_struct_conn_angle.ptnr1_auth_atom_id    ? 
_pdbx_struct_conn_angle.ptnr1_auth_asym_id    A 
_pdbx_struct_conn_angle.ptnr1_auth_comp_id    HOH 
_pdbx_struct_conn_angle.ptnr1_auth_seq_id     619 
_pdbx_struct_conn_angle.ptnr1_PDB_ins_code    ? 
_pdbx_struct_conn_angle.ptnr1_symmetry        1_555 
_pdbx_struct_conn_angle.ptnr2_label_atom_id   NA 
_pdbx_struct_conn_angle.ptnr2_label_alt_id    ? 
_pdbx_struct_conn_angle.ptnr2_label_asym_id   B 
_pdbx_struct_conn_angle.ptnr2_label_comp_id   NA 
_pdbx_struct_conn_angle.ptnr2_label_seq_id    . 
_pdbx_struct_conn_angle.ptnr2_auth_atom_id    ? 
_pdbx_struct_conn_angle.ptnr2_auth_asym_id    A 
_pdbx_struct_conn_angle.ptnr2_auth_comp_id    NA 
_pdbx_struct_conn_angle.ptnr2_auth_seq_id     501 
_pdbx_struct_conn_angle.ptnr2_PDB_ins_code    ? 
_pdbx_struct_conn_angle.ptnr2_symmetry        1_555 
_pdbx_struct_conn_angle.ptnr3_label_atom_id   O 
_pdbx_struct_conn_angle.ptnr3_label_alt_id    ? 
_pdbx_struct_conn_angle.ptnr3_label_asym_id   C 
_pdbx_struct_conn_angle.ptnr3_label_comp_id   HOH 
_pdbx_struct_conn_angle.ptnr3_label_seq_id    . 
_pdbx_struct_conn_angle.ptnr3_auth_atom_id    ? 
_pdbx_struct_conn_angle.ptnr3_auth_asym_id    A 
_pdbx_struct_conn_angle.ptnr3_auth_comp_id    HOH 
_pdbx_struct_conn_angle.ptnr3_auth_seq_id     620 
_pdbx_struct_conn_angle.ptnr3_PDB_ins_code    ? 
_pdbx_struct_conn_angle.ptnr3_symmetry        1_555 
_pdbx_struct_conn_angle.value                 71.9 
_pdbx_struct_conn_angle.value_esd             ? 
# 
loop_
_pdbx_audit_revision_history.ordinal 
_pdbx_audit_revision_history.data_content_type 
_pdbx_audit_revision_history.major_revision 
_pdbx_audit_revision_history.minor_revision 
_pdbx_audit_revision_history.revision_date 
1 'Structure model' 1 0 2014-10-01 
2 'Structure model' 1 1 2014-10-15 
3 'Structure model' 1 2 2015-01-21 
4 'Structure model' 1 3 2023-11-08 
# 
_pdbx_audit_revision_details.ordinal             1 
_pdbx_audit_revision_details.revision_ordinal    1 
_pdbx_audit_revision_details.data_content_type   'Structure model' 
_pdbx_audit_revision_details.provider            repository 
_pdbx_audit_revision_details.type                'Initial release' 
_pdbx_audit_revision_details.description         ? 
_pdbx_audit_revision_details.details             ? 
# 
loop_
_pdbx_audit_revision_group.ordinal 
_pdbx_audit_revision_group.revision_ordinal 
_pdbx_audit_revision_group.data_content_type 
_pdbx_audit_revision_group.group 
1 2 'Structure model' 'Database references'    
2 3 'Structure model' 'Database references'    
3 4 'Structure model' 'Data collection'        
4 4 'Structure model' 'Database references'    
5 4 'Structure model' 'Derived calculations'   
6 4 'Structure model' 'Refinement description' 
# 
loop_
_pdbx_audit_revision_category.ordinal 
_pdbx_audit_revision_category.revision_ordinal 
_pdbx_audit_revision_category.data_content_type 
_pdbx_audit_revision_category.category 
1 4 'Structure model' chem_comp_atom                
2 4 'Structure model' chem_comp_bond                
3 4 'Structure model' database_2                    
4 4 'Structure model' pdbx_initial_refinement_model 
5 4 'Structure model' pdbx_struct_conn_angle        
6 4 'Structure model' struct_conn                   
7 4 'Structure model' struct_ref_seq_dif            
8 4 'Structure model' struct_site                   
# 
loop_
_pdbx_audit_revision_item.ordinal 
_pdbx_audit_revision_item.revision_ordinal 
_pdbx_audit_revision_item.data_content_type 
_pdbx_audit_revision_item.item 
1  4 'Structure model' '_database_2.pdbx_DOI'                      
2  4 'Structure model' '_database_2.pdbx_database_accession'       
3  4 'Structure model' '_pdbx_struct_conn_angle.ptnr1_auth_seq_id' 
4  4 'Structure model' '_pdbx_struct_conn_angle.ptnr3_auth_seq_id' 
5  4 'Structure model' '_struct_conn.pdbx_dist_value'              
6  4 'Structure model' '_struct_conn.ptnr2_auth_seq_id'            
7  4 'Structure model' '_struct_ref_seq_dif.details'               
8  4 'Structure model' '_struct_site.pdbx_auth_asym_id'            
9  4 'Structure model' '_struct_site.pdbx_auth_comp_id'            
10 4 'Structure model' '_struct_site.pdbx_auth_seq_id'             
# 
loop_
_software.name 
_software.classification 
_software.version 
_software.citation_id 
_software.pdbx_ordinal 
XDS    'data scaling'   .        ? 1 
PHENIX 'model building' .        ? 2 
REFMAC refinement       5.8.0048 ? 3 
XDS    'data reduction' .        ? 4 
SCALA  'data scaling'   .        ? 5 
PHENIX phasing          .        ? 6 
# 
loop_
_pdbx_validate_torsion.id 
_pdbx_validate_torsion.PDB_model_num 
_pdbx_validate_torsion.auth_comp_id 
_pdbx_validate_torsion.auth_asym_id 
_pdbx_validate_torsion.auth_seq_id 
_pdbx_validate_torsion.PDB_ins_code 
_pdbx_validate_torsion.label_alt_id 
_pdbx_validate_torsion.phi 
_pdbx_validate_torsion.psi 
1 1 GLU A 389 ? ? -35.91  130.69  
2 1 ARG A 399 ? ? 60.09   -120.32 
3 1 LYS A 412 ? ? -160.91 119.38  
# 
loop_
_pdbx_unobs_or_zero_occ_residues.id 
_pdbx_unobs_or_zero_occ_residues.PDB_model_num 
_pdbx_unobs_or_zero_occ_residues.polymer_flag 
_pdbx_unobs_or_zero_occ_residues.occupancy_flag 
_pdbx_unobs_or_zero_occ_residues.auth_asym_id 
_pdbx_unobs_or_zero_occ_residues.auth_comp_id 
_pdbx_unobs_or_zero_occ_residues.auth_seq_id 
_pdbx_unobs_or_zero_occ_residues.PDB_ins_code 
_pdbx_unobs_or_zero_occ_residues.label_asym_id 
_pdbx_unobs_or_zero_occ_residues.label_comp_id 
_pdbx_unobs_or_zero_occ_residues.label_seq_id 
1  1 Y 1 A MET 370 ? A MET 1  
2  1 Y 1 A LYS 371 ? A LYS 2  
3  1 Y 1 A ALA 372 ? A ALA 3  
4  1 Y 1 A GLU 437 ? A GLU 68 
5  1 Y 1 A GLY 438 ? A GLY 69 
6  1 Y 1 A GLY 439 ? A GLY 70 
7  1 Y 1 A GLU 440 ? A GLU 71 
8  1 Y 1 A LYS 441 ? A LYS 72 
9  1 Y 1 A LEU 442 ? A LEU 73 
10 1 Y 1 A GLU 443 ? A GLU 74 
11 1 Y 1 A HIS 444 ? A HIS 75 
12 1 Y 1 A HIS 445 ? A HIS 76 
13 1 Y 1 A HIS 446 ? A HIS 77 
14 1 Y 1 A HIS 447 ? A HIS 78 
15 1 Y 1 A HIS 448 ? A HIS 79 
16 1 Y 1 A HIS 449 ? A HIS 80 
# 
loop_
_chem_comp_atom.comp_id 
_chem_comp_atom.atom_id 
_chem_comp_atom.type_symbol 
_chem_comp_atom.pdbx_aromatic_flag 
_chem_comp_atom.pdbx_stereo_config 
_chem_comp_atom.pdbx_ordinal 
ALA N    N  N N 1   
ALA CA   C  N S 2   
ALA C    C  N N 3   
ALA O    O  N N 4   
ALA CB   C  N N 5   
ALA OXT  O  N N 6   
ALA H    H  N N 7   
ALA H2   H  N N 8   
ALA HA   H  N N 9   
ALA HB1  H  N N 10  
ALA HB2  H  N N 11  
ALA HB3  H  N N 12  
ALA HXT  H  N N 13  
ARG N    N  N N 14  
ARG CA   C  N S 15  
ARG C    C  N N 16  
ARG O    O  N N 17  
ARG CB   C  N N 18  
ARG CG   C  N N 19  
ARG CD   C  N N 20  
ARG NE   N  N N 21  
ARG CZ   C  N N 22  
ARG NH1  N  N N 23  
ARG NH2  N  N N 24  
ARG OXT  O  N N 25  
ARG H    H  N N 26  
ARG H2   H  N N 27  
ARG HA   H  N N 28  
ARG HB2  H  N N 29  
ARG HB3  H  N N 30  
ARG HG2  H  N N 31  
ARG HG3  H  N N 32  
ARG HD2  H  N N 33  
ARG HD3  H  N N 34  
ARG HE   H  N N 35  
ARG HH11 H  N N 36  
ARG HH12 H  N N 37  
ARG HH21 H  N N 38  
ARG HH22 H  N N 39  
ARG HXT  H  N N 40  
ASN N    N  N N 41  
ASN CA   C  N S 42  
ASN C    C  N N 43  
ASN O    O  N N 44  
ASN CB   C  N N 45  
ASN CG   C  N N 46  
ASN OD1  O  N N 47  
ASN ND2  N  N N 48  
ASN OXT  O  N N 49  
ASN H    H  N N 50  
ASN H2   H  N N 51  
ASN HA   H  N N 52  
ASN HB2  H  N N 53  
ASN HB3  H  N N 54  
ASN HD21 H  N N 55  
ASN HD22 H  N N 56  
ASN HXT  H  N N 57  
ASP N    N  N N 58  
ASP CA   C  N S 59  
ASP C    C  N N 60  
ASP O    O  N N 61  
ASP CB   C  N N 62  
ASP CG   C  N N 63  
ASP OD1  O  N N 64  
ASP OD2  O  N N 65  
ASP OXT  O  N N 66  
ASP H    H  N N 67  
ASP H2   H  N N 68  
ASP HA   H  N N 69  
ASP HB2  H  N N 70  
ASP HB3  H  N N 71  
ASP HD2  H  N N 72  
ASP HXT  H  N N 73  
GLU N    N  N N 74  
GLU CA   C  N S 75  
GLU C    C  N N 76  
GLU O    O  N N 77  
GLU CB   C  N N 78  
GLU CG   C  N N 79  
GLU CD   C  N N 80  
GLU OE1  O  N N 81  
GLU OE2  O  N N 82  
GLU OXT  O  N N 83  
GLU H    H  N N 84  
GLU H2   H  N N 85  
GLU HA   H  N N 86  
GLU HB2  H  N N 87  
GLU HB3  H  N N 88  
GLU HG2  H  N N 89  
GLU HG3  H  N N 90  
GLU HE2  H  N N 91  
GLU HXT  H  N N 92  
GLY N    N  N N 93  
GLY CA   C  N N 94  
GLY C    C  N N 95  
GLY O    O  N N 96  
GLY OXT  O  N N 97  
GLY H    H  N N 98  
GLY H2   H  N N 99  
GLY HA2  H  N N 100 
GLY HA3  H  N N 101 
GLY HXT  H  N N 102 
HIS N    N  N N 103 
HIS CA   C  N S 104 
HIS C    C  N N 105 
HIS O    O  N N 106 
HIS CB   C  N N 107 
HIS CG   C  Y N 108 
HIS ND1  N  Y N 109 
HIS CD2  C  Y N 110 
HIS CE1  C  Y N 111 
HIS NE2  N  Y N 112 
HIS OXT  O  N N 113 
HIS H    H  N N 114 
HIS H2   H  N N 115 
HIS HA   H  N N 116 
HIS HB2  H  N N 117 
HIS HB3  H  N N 118 
HIS HD1  H  N N 119 
HIS HD2  H  N N 120 
HIS HE1  H  N N 121 
HIS HE2  H  N N 122 
HIS HXT  H  N N 123 
HOH O    O  N N 124 
HOH H1   H  N N 125 
HOH H2   H  N N 126 
ILE N    N  N N 127 
ILE CA   C  N S 128 
ILE C    C  N N 129 
ILE O    O  N N 130 
ILE CB   C  N S 131 
ILE CG1  C  N N 132 
ILE CG2  C  N N 133 
ILE CD1  C  N N 134 
ILE OXT  O  N N 135 
ILE H    H  N N 136 
ILE H2   H  N N 137 
ILE HA   H  N N 138 
ILE HB   H  N N 139 
ILE HG12 H  N N 140 
ILE HG13 H  N N 141 
ILE HG21 H  N N 142 
ILE HG22 H  N N 143 
ILE HG23 H  N N 144 
ILE HD11 H  N N 145 
ILE HD12 H  N N 146 
ILE HD13 H  N N 147 
ILE HXT  H  N N 148 
LEU N    N  N N 149 
LEU CA   C  N S 150 
LEU C    C  N N 151 
LEU O    O  N N 152 
LEU CB   C  N N 153 
LEU CG   C  N N 154 
LEU CD1  C  N N 155 
LEU CD2  C  N N 156 
LEU OXT  O  N N 157 
LEU H    H  N N 158 
LEU H2   H  N N 159 
LEU HA   H  N N 160 
LEU HB2  H  N N 161 
LEU HB3  H  N N 162 
LEU HG   H  N N 163 
LEU HD11 H  N N 164 
LEU HD12 H  N N 165 
LEU HD13 H  N N 166 
LEU HD21 H  N N 167 
LEU HD22 H  N N 168 
LEU HD23 H  N N 169 
LEU HXT  H  N N 170 
LYS N    N  N N 171 
LYS CA   C  N S 172 
LYS C    C  N N 173 
LYS O    O  N N 174 
LYS CB   C  N N 175 
LYS CG   C  N N 176 
LYS CD   C  N N 177 
LYS CE   C  N N 178 
LYS NZ   N  N N 179 
LYS OXT  O  N N 180 
LYS H    H  N N 181 
LYS H2   H  N N 182 
LYS HA   H  N N 183 
LYS HB2  H  N N 184 
LYS HB3  H  N N 185 
LYS HG2  H  N N 186 
LYS HG3  H  N N 187 
LYS HD2  H  N N 188 
LYS HD3  H  N N 189 
LYS HE2  H  N N 190 
LYS HE3  H  N N 191 
LYS HZ1  H  N N 192 
LYS HZ2  H  N N 193 
LYS HZ3  H  N N 194 
LYS HXT  H  N N 195 
MET N    N  N N 196 
MET CA   C  N S 197 
MET C    C  N N 198 
MET O    O  N N 199 
MET CB   C  N N 200 
MET CG   C  N N 201 
MET SD   S  N N 202 
MET CE   C  N N 203 
MET OXT  O  N N 204 
MET H    H  N N 205 
MET H2   H  N N 206 
MET HA   H  N N 207 
MET HB2  H  N N 208 
MET HB3  H  N N 209 
MET HG2  H  N N 210 
MET HG3  H  N N 211 
MET HE1  H  N N 212 
MET HE2  H  N N 213 
MET HE3  H  N N 214 
MET HXT  H  N N 215 
NA  NA   NA N N 216 
PHE N    N  N N 217 
PHE CA   C  N S 218 
PHE C    C  N N 219 
PHE O    O  N N 220 
PHE CB   C  N N 221 
PHE CG   C  Y N 222 
PHE CD1  C  Y N 223 
PHE CD2  C  Y N 224 
PHE CE1  C  Y N 225 
PHE CE2  C  Y N 226 
PHE CZ   C  Y N 227 
PHE OXT  O  N N 228 
PHE H    H  N N 229 
PHE H2   H  N N 230 
PHE HA   H  N N 231 
PHE HB2  H  N N 232 
PHE HB3  H  N N 233 
PHE HD1  H  N N 234 
PHE HD2  H  N N 235 
PHE HE1  H  N N 236 
PHE HE2  H  N N 237 
PHE HZ   H  N N 238 
PHE HXT  H  N N 239 
PRO N    N  N N 240 
PRO CA   C  N S 241 
PRO C    C  N N 242 
PRO O    O  N N 243 
PRO CB   C  N N 244 
PRO CG   C  N N 245 
PRO CD   C  N N 246 
PRO OXT  O  N N 247 
PRO H    H  N N 248 
PRO HA   H  N N 249 
PRO HB2  H  N N 250 
PRO HB3  H  N N 251 
PRO HG2  H  N N 252 
PRO HG3  H  N N 253 
PRO HD2  H  N N 254 
PRO HD3  H  N N 255 
PRO HXT  H  N N 256 
SER N    N  N N 257 
SER CA   C  N S 258 
SER C    C  N N 259 
SER O    O  N N 260 
SER CB   C  N N 261 
SER OG   O  N N 262 
SER OXT  O  N N 263 
SER H    H  N N 264 
SER H2   H  N N 265 
SER HA   H  N N 266 
SER HB2  H  N N 267 
SER HB3  H  N N 268 
SER HG   H  N N 269 
SER HXT  H  N N 270 
THR N    N  N N 271 
THR CA   C  N S 272 
THR C    C  N N 273 
THR O    O  N N 274 
THR CB   C  N R 275 
THR OG1  O  N N 276 
THR CG2  C  N N 277 
THR OXT  O  N N 278 
THR H    H  N N 279 
THR H2   H  N N 280 
THR HA   H  N N 281 
THR HB   H  N N 282 
THR HG1  H  N N 283 
THR HG21 H  N N 284 
THR HG22 H  N N 285 
THR HG23 H  N N 286 
THR HXT  H  N N 287 
TRP N    N  N N 288 
TRP CA   C  N S 289 
TRP C    C  N N 290 
TRP O    O  N N 291 
TRP CB   C  N N 292 
TRP CG   C  Y N 293 
TRP CD1  C  Y N 294 
TRP CD2  C  Y N 295 
TRP NE1  N  Y N 296 
TRP CE2  C  Y N 297 
TRP CE3  C  Y N 298 
TRP CZ2  C  Y N 299 
TRP CZ3  C  Y N 300 
TRP CH2  C  Y N 301 
TRP OXT  O  N N 302 
TRP H    H  N N 303 
TRP H2   H  N N 304 
TRP HA   H  N N 305 
TRP HB2  H  N N 306 
TRP HB3  H  N N 307 
TRP HD1  H  N N 308 
TRP HE1  H  N N 309 
TRP HE3  H  N N 310 
TRP HZ2  H  N N 311 
TRP HZ3  H  N N 312 
TRP HH2  H  N N 313 
TRP HXT  H  N N 314 
VAL N    N  N N 315 
VAL CA   C  N S 316 
VAL C    C  N N 317 
VAL O    O  N N 318 
VAL CB   C  N N 319 
VAL CG1  C  N N 320 
VAL CG2  C  N N 321 
VAL OXT  O  N N 322 
VAL H    H  N N 323 
VAL H2   H  N N 324 
VAL HA   H  N N 325 
VAL HB   H  N N 326 
VAL HG11 H  N N 327 
VAL HG12 H  N N 328 
VAL HG13 H  N N 329 
VAL HG21 H  N N 330 
VAL HG22 H  N N 331 
VAL HG23 H  N N 332 
VAL HXT  H  N N 333 
# 
loop_
_chem_comp_bond.comp_id 
_chem_comp_bond.atom_id_1 
_chem_comp_bond.atom_id_2 
_chem_comp_bond.value_order 
_chem_comp_bond.pdbx_aromatic_flag 
_chem_comp_bond.pdbx_stereo_config 
_chem_comp_bond.pdbx_ordinal 
ALA N   CA   sing N N 1   
ALA N   H    sing N N 2   
ALA N   H2   sing N N 3   
ALA CA  C    sing N N 4   
ALA CA  CB   sing N N 5   
ALA CA  HA   sing N N 6   
ALA C   O    doub N N 7   
ALA C   OXT  sing N N 8   
ALA CB  HB1  sing N N 9   
ALA CB  HB2  sing N N 10  
ALA CB  HB3  sing N N 11  
ALA OXT HXT  sing N N 12  
ARG N   CA   sing N N 13  
ARG N   H    sing N N 14  
ARG N   H2   sing N N 15  
ARG CA  C    sing N N 16  
ARG CA  CB   sing N N 17  
ARG CA  HA   sing N N 18  
ARG C   O    doub N N 19  
ARG C   OXT  sing N N 20  
ARG CB  CG   sing N N 21  
ARG CB  HB2  sing N N 22  
ARG CB  HB3  sing N N 23  
ARG CG  CD   sing N N 24  
ARG CG  HG2  sing N N 25  
ARG CG  HG3  sing N N 26  
ARG CD  NE   sing N N 27  
ARG CD  HD2  sing N N 28  
ARG CD  HD3  sing N N 29  
ARG NE  CZ   sing N N 30  
ARG NE  HE   sing N N 31  
ARG CZ  NH1  sing N N 32  
ARG CZ  NH2  doub N N 33  
ARG NH1 HH11 sing N N 34  
ARG NH1 HH12 sing N N 35  
ARG NH2 HH21 sing N N 36  
ARG NH2 HH22 sing N N 37  
ARG OXT HXT  sing N N 38  
ASN N   CA   sing N N 39  
ASN N   H    sing N N 40  
ASN N   H2   sing N N 41  
ASN CA  C    sing N N 42  
ASN CA  CB   sing N N 43  
ASN CA  HA   sing N N 44  
ASN C   O    doub N N 45  
ASN C   OXT  sing N N 46  
ASN CB  CG   sing N N 47  
ASN CB  HB2  sing N N 48  
ASN CB  HB3  sing N N 49  
ASN CG  OD1  doub N N 50  
ASN CG  ND2  sing N N 51  
ASN ND2 HD21 sing N N 52  
ASN ND2 HD22 sing N N 53  
ASN OXT HXT  sing N N 54  
ASP N   CA   sing N N 55  
ASP N   H    sing N N 56  
ASP N   H2   sing N N 57  
ASP CA  C    sing N N 58  
ASP CA  CB   sing N N 59  
ASP CA  HA   sing N N 60  
ASP C   O    doub N N 61  
ASP C   OXT  sing N N 62  
ASP CB  CG   sing N N 63  
ASP CB  HB2  sing N N 64  
ASP CB  HB3  sing N N 65  
ASP CG  OD1  doub N N 66  
ASP CG  OD2  sing N N 67  
ASP OD2 HD2  sing N N 68  
ASP OXT HXT  sing N N 69  
GLU N   CA   sing N N 70  
GLU N   H    sing N N 71  
GLU N   H2   sing N N 72  
GLU CA  C    sing N N 73  
GLU CA  CB   sing N N 74  
GLU CA  HA   sing N N 75  
GLU C   O    doub N N 76  
GLU C   OXT  sing N N 77  
GLU CB  CG   sing N N 78  
GLU CB  HB2  sing N N 79  
GLU CB  HB3  sing N N 80  
GLU CG  CD   sing N N 81  
GLU CG  HG2  sing N N 82  
GLU CG  HG3  sing N N 83  
GLU CD  OE1  doub N N 84  
GLU CD  OE2  sing N N 85  
GLU OE2 HE2  sing N N 86  
GLU OXT HXT  sing N N 87  
GLY N   CA   sing N N 88  
GLY N   H    sing N N 89  
GLY N   H2   sing N N 90  
GLY CA  C    sing N N 91  
GLY CA  HA2  sing N N 92  
GLY CA  HA3  sing N N 93  
GLY C   O    doub N N 94  
GLY C   OXT  sing N N 95  
GLY OXT HXT  sing N N 96  
HIS N   CA   sing N N 97  
HIS N   H    sing N N 98  
HIS N   H2   sing N N 99  
HIS CA  C    sing N N 100 
HIS CA  CB   sing N N 101 
HIS CA  HA   sing N N 102 
HIS C   O    doub N N 103 
HIS C   OXT  sing N N 104 
HIS CB  CG   sing N N 105 
HIS CB  HB2  sing N N 106 
HIS CB  HB3  sing N N 107 
HIS CG  ND1  sing Y N 108 
HIS CG  CD2  doub Y N 109 
HIS ND1 CE1  doub Y N 110 
HIS ND1 HD1  sing N N 111 
HIS CD2 NE2  sing Y N 112 
HIS CD2 HD2  sing N N 113 
HIS CE1 NE2  sing Y N 114 
HIS CE1 HE1  sing N N 115 
HIS NE2 HE2  sing N N 116 
HIS OXT HXT  sing N N 117 
HOH O   H1   sing N N 118 
HOH O   H2   sing N N 119 
ILE N   CA   sing N N 120 
ILE N   H    sing N N 121 
ILE N   H2   sing N N 122 
ILE CA  C    sing N N 123 
ILE CA  CB   sing N N 124 
ILE CA  HA   sing N N 125 
ILE C   O    doub N N 126 
ILE C   OXT  sing N N 127 
ILE CB  CG1  sing N N 128 
ILE CB  CG2  sing N N 129 
ILE CB  HB   sing N N 130 
ILE CG1 CD1  sing N N 131 
ILE CG1 HG12 sing N N 132 
ILE CG1 HG13 sing N N 133 
ILE CG2 HG21 sing N N 134 
ILE CG2 HG22 sing N N 135 
ILE CG2 HG23 sing N N 136 
ILE CD1 HD11 sing N N 137 
ILE CD1 HD12 sing N N 138 
ILE CD1 HD13 sing N N 139 
ILE OXT HXT  sing N N 140 
LEU N   CA   sing N N 141 
LEU N   H    sing N N 142 
LEU N   H2   sing N N 143 
LEU CA  C    sing N N 144 
LEU CA  CB   sing N N 145 
LEU CA  HA   sing N N 146 
LEU C   O    doub N N 147 
LEU C   OXT  sing N N 148 
LEU CB  CG   sing N N 149 
LEU CB  HB2  sing N N 150 
LEU CB  HB3  sing N N 151 
LEU CG  CD1  sing N N 152 
LEU CG  CD2  sing N N 153 
LEU CG  HG   sing N N 154 
LEU CD1 HD11 sing N N 155 
LEU CD1 HD12 sing N N 156 
LEU CD1 HD13 sing N N 157 
LEU CD2 HD21 sing N N 158 
LEU CD2 HD22 sing N N 159 
LEU CD2 HD23 sing N N 160 
LEU OXT HXT  sing N N 161 
LYS N   CA   sing N N 162 
LYS N   H    sing N N 163 
LYS N   H2   sing N N 164 
LYS CA  C    sing N N 165 
LYS CA  CB   sing N N 166 
LYS CA  HA   sing N N 167 
LYS C   O    doub N N 168 
LYS C   OXT  sing N N 169 
LYS CB  CG   sing N N 170 
LYS CB  HB2  sing N N 171 
LYS CB  HB3  sing N N 172 
LYS CG  CD   sing N N 173 
LYS CG  HG2  sing N N 174 
LYS CG  HG3  sing N N 175 
LYS CD  CE   sing N N 176 
LYS CD  HD2  sing N N 177 
LYS CD  HD3  sing N N 178 
LYS CE  NZ   sing N N 179 
LYS CE  HE2  sing N N 180 
LYS CE  HE3  sing N N 181 
LYS NZ  HZ1  sing N N 182 
LYS NZ  HZ2  sing N N 183 
LYS NZ  HZ3  sing N N 184 
LYS OXT HXT  sing N N 185 
MET N   CA   sing N N 186 
MET N   H    sing N N 187 
MET N   H2   sing N N 188 
MET CA  C    sing N N 189 
MET CA  CB   sing N N 190 
MET CA  HA   sing N N 191 
MET C   O    doub N N 192 
MET C   OXT  sing N N 193 
MET CB  CG   sing N N 194 
MET CB  HB2  sing N N 195 
MET CB  HB3  sing N N 196 
MET CG  SD   sing N N 197 
MET CG  HG2  sing N N 198 
MET CG  HG3  sing N N 199 
MET SD  CE   sing N N 200 
MET CE  HE1  sing N N 201 
MET CE  HE2  sing N N 202 
MET CE  HE3  sing N N 203 
MET OXT HXT  sing N N 204 
PHE N   CA   sing N N 205 
PHE N   H    sing N N 206 
PHE N   H2   sing N N 207 
PHE CA  C    sing N N 208 
PHE CA  CB   sing N N 209 
PHE CA  HA   sing N N 210 
PHE C   O    doub N N 211 
PHE C   OXT  sing N N 212 
PHE CB  CG   sing N N 213 
PHE CB  HB2  sing N N 214 
PHE CB  HB3  sing N N 215 
PHE CG  CD1  doub Y N 216 
PHE CG  CD2  sing Y N 217 
PHE CD1 CE1  sing Y N 218 
PHE CD1 HD1  sing N N 219 
PHE CD2 CE2  doub Y N 220 
PHE CD2 HD2  sing N N 221 
PHE CE1 CZ   doub Y N 222 
PHE CE1 HE1  sing N N 223 
PHE CE2 CZ   sing Y N 224 
PHE CE2 HE2  sing N N 225 
PHE CZ  HZ   sing N N 226 
PHE OXT HXT  sing N N 227 
PRO N   CA   sing N N 228 
PRO N   CD   sing N N 229 
PRO N   H    sing N N 230 
PRO CA  C    sing N N 231 
PRO CA  CB   sing N N 232 
PRO CA  HA   sing N N 233 
PRO C   O    doub N N 234 
PRO C   OXT  sing N N 235 
PRO CB  CG   sing N N 236 
PRO CB  HB2  sing N N 237 
PRO CB  HB3  sing N N 238 
PRO CG  CD   sing N N 239 
PRO CG  HG2  sing N N 240 
PRO CG  HG3  sing N N 241 
PRO CD  HD2  sing N N 242 
PRO CD  HD3  sing N N 243 
PRO OXT HXT  sing N N 244 
SER N   CA   sing N N 245 
SER N   H    sing N N 246 
SER N   H2   sing N N 247 
SER CA  C    sing N N 248 
SER CA  CB   sing N N 249 
SER CA  HA   sing N N 250 
SER C   O    doub N N 251 
SER C   OXT  sing N N 252 
SER CB  OG   sing N N 253 
SER CB  HB2  sing N N 254 
SER CB  HB3  sing N N 255 
SER OG  HG   sing N N 256 
SER OXT HXT  sing N N 257 
THR N   CA   sing N N 258 
THR N   H    sing N N 259 
THR N   H2   sing N N 260 
THR CA  C    sing N N 261 
THR CA  CB   sing N N 262 
THR CA  HA   sing N N 263 
THR C   O    doub N N 264 
THR C   OXT  sing N N 265 
THR CB  OG1  sing N N 266 
THR CB  CG2  sing N N 267 
THR CB  HB   sing N N 268 
THR OG1 HG1  sing N N 269 
THR CG2 HG21 sing N N 270 
THR CG2 HG22 sing N N 271 
THR CG2 HG23 sing N N 272 
THR OXT HXT  sing N N 273 
TRP N   CA   sing N N 274 
TRP N   H    sing N N 275 
TRP N   H2   sing N N 276 
TRP CA  C    sing N N 277 
TRP CA  CB   sing N N 278 
TRP CA  HA   sing N N 279 
TRP C   O    doub N N 280 
TRP C   OXT  sing N N 281 
TRP CB  CG   sing N N 282 
TRP CB  HB2  sing N N 283 
TRP CB  HB3  sing N N 284 
TRP CG  CD1  doub Y N 285 
TRP CG  CD2  sing Y N 286 
TRP CD1 NE1  sing Y N 287 
TRP CD1 HD1  sing N N 288 
TRP CD2 CE2  doub Y N 289 
TRP CD2 CE3  sing Y N 290 
TRP NE1 CE2  sing Y N 291 
TRP NE1 HE1  sing N N 292 
TRP CE2 CZ2  sing Y N 293 
TRP CE3 CZ3  doub Y N 294 
TRP CE3 HE3  sing N N 295 
TRP CZ2 CH2  doub Y N 296 
TRP CZ2 HZ2  sing N N 297 
TRP CZ3 CH2  sing Y N 298 
TRP CZ3 HZ3  sing N N 299 
TRP CH2 HH2  sing N N 300 
TRP OXT HXT  sing N N 301 
VAL N   CA   sing N N 302 
VAL N   H    sing N N 303 
VAL N   H2   sing N N 304 
VAL CA  C    sing N N 305 
VAL CA  CB   sing N N 306 
VAL CA  HA   sing N N 307 
VAL C   O    doub N N 308 
VAL C   OXT  sing N N 309 
VAL CB  CG1  sing N N 310 
VAL CB  CG2  sing N N 311 
VAL CB  HB   sing N N 312 
VAL CG1 HG11 sing N N 313 
VAL CG1 HG12 sing N N 314 
VAL CG1 HG13 sing N N 315 
VAL CG2 HG21 sing N N 316 
VAL CG2 HG22 sing N N 317 
VAL CG2 HG23 sing N N 318 
VAL OXT HXT  sing N N 319 
# 
loop_
_pdbx_entity_nonpoly.entity_id 
_pdbx_entity_nonpoly.name 
_pdbx_entity_nonpoly.comp_id 
2 'SODIUM ION' NA  
3 water        HOH 
# 
_pdbx_initial_refinement_model.id               1 
_pdbx_initial_refinement_model.entity_id_list   ? 
_pdbx_initial_refinement_model.type             'experimental model' 
_pdbx_initial_refinement_model.source_name      PDB 
_pdbx_initial_refinement_model.accession_code   2EXD 
_pdbx_initial_refinement_model.details          'PDB ENTRY 2EXD' 
# 
